data_5GSR
#
_entry.id   5GSR
#
_cell.length_a   50.353
_cell.length_b   79.658
_cell.length_c   122.706
_cell.angle_alpha   90.00
_cell.angle_beta   90.30
_cell.angle_gamma   90.00
#
_symmetry.space_group_name_H-M   'P 1 21 1'
#
loop_
_entity.id
_entity.type
_entity.pdbx_description
1 polymer Beta-2-microglobulin
2 polymer 'H-2 class I histocompatibility antigen, K-D alpha chain'
3 polymer '9-mer peptide from Spike protein'
4 water water
#
loop_
_entity_poly.entity_id
_entity_poly.type
_entity_poly.pdbx_seq_one_letter_code
_entity_poly.pdbx_strand_id
1 'polypeptide(L)'
;AIQRTPKIQVYSRHPAENGKSNFLNCYVSGFHPSDIEVDLLKNGERIEKVEHSDLSFSKDWSFYLLYYTEFTPTEKDEYA
CRVNHVTLSQPKIVKWDRDM
;
D,B
2 'polypeptide(L)'
;GPHSLRYFVTAVSRPGLGEPRFIAVGYVDDTQFVRFDSDADNPRFEPRAPWMEQEGPEYWEEQTQRAKSDEQWFRVSLRT
AQRYYNQSKGGSHTFQRMFGCDVGSDWRLLRGYQQFAYDGRDYIALNEDLKTWTAADTAALITRRKWEQAGDAEYYRAYL
EGECVEWLRRYLELGNETLLRTDSPKAHVTYHPRSQVDVTLRCWALGFYPADITLTWQLNGEDLTQDMELVETRPAGDGT
FQKWAAVVVPLGKEQNYTCHVHHKGLPEPLTLRW
;
A,C
3 'polypeptide(L)' YYSIAPHSI P,Q
#
# COMPACT_ATOMS: atom_id res chain seq x y z
N ALA A 1 6.36 -17.00 -4.55
CA ALA A 1 7.27 -18.14 -4.54
C ALA A 1 8.06 -18.22 -5.84
N ILE A 2 7.39 -17.97 -6.96
CA ILE A 2 8.03 -17.94 -8.27
C ILE A 2 8.30 -16.50 -8.66
N GLN A 3 9.31 -16.28 -9.45
CA GLN A 3 9.64 -14.97 -9.87
C GLN A 3 9.81 -14.84 -11.33
N ARG A 4 9.32 -13.75 -11.88
CA ARG A 4 9.39 -13.43 -13.30
C ARG A 4 10.13 -12.12 -13.47
N THR A 5 11.19 -12.14 -14.26
CA THR A 5 12.00 -10.94 -14.48
C THR A 5 11.32 -10.05 -15.50
N PRO A 6 11.17 -8.75 -15.24
CA PRO A 6 10.51 -7.87 -16.22
C PRO A 6 11.32 -7.73 -17.50
N LYS A 7 10.60 -7.65 -18.61
CA LYS A 7 11.18 -7.29 -19.90
C LYS A 7 10.91 -5.81 -20.14
N ILE A 8 11.96 -5.05 -20.42
CA ILE A 8 11.90 -3.59 -20.46
C ILE A 8 12.10 -3.13 -21.90
N GLN A 9 11.22 -2.23 -22.34
CA GLN A 9 11.33 -1.61 -23.66
C GLN A 9 11.17 -0.11 -23.51
N VAL A 10 12.10 0.65 -24.09
CA VAL A 10 12.05 2.10 -24.12
C VAL A 10 11.94 2.54 -25.57
N TYR A 11 10.97 3.42 -25.84
CA TYR A 11 10.63 3.80 -27.20
C TYR A 11 9.70 5.00 -27.16
N SER A 12 9.50 5.62 -28.32
CA SER A 12 8.60 6.75 -28.46
C SER A 12 7.28 6.29 -29.10
N ARG A 13 6.22 7.05 -28.83
CA ARG A 13 4.91 6.71 -29.39
C ARG A 13 4.93 6.82 -30.90
N HIS A 14 5.44 7.93 -31.42
CA HIS A 14 5.61 8.16 -32.84
C HIS A 14 7.08 8.15 -33.21
N PRO A 15 7.41 7.93 -34.48
CA PRO A 15 8.82 8.04 -34.90
C PRO A 15 9.44 9.34 -34.44
N ALA A 16 10.63 9.24 -33.83
CA ALA A 16 11.30 10.40 -33.28
C ALA A 16 11.71 11.39 -34.37
N GLU A 17 11.23 12.64 -34.24
CA GLU A 17 11.70 13.78 -35.01
C GLU A 17 12.13 14.88 -34.05
N ASN A 18 13.31 15.45 -34.28
CA ASN A 18 13.81 16.53 -33.43
C ASN A 18 12.96 17.78 -33.60
N GLY A 19 12.48 18.34 -32.49
CA GLY A 19 11.75 19.59 -32.50
C GLY A 19 10.25 19.47 -32.33
N LYS A 20 9.68 18.31 -32.65
CA LYS A 20 8.24 18.10 -32.53
C LYS A 20 7.95 17.27 -31.28
N SER A 21 6.89 17.65 -30.56
CA SER A 21 6.52 16.94 -29.34
C SER A 21 6.17 15.49 -29.63
N ASN A 22 6.48 14.63 -28.65
CA ASN A 22 6.21 13.20 -28.77
C ASN A 22 5.92 12.66 -27.37
N PHE A 23 5.87 11.35 -27.24
CA PHE A 23 5.71 10.68 -25.96
C PHE A 23 6.80 9.63 -25.82
N LEU A 24 7.48 9.63 -24.67
CA LEU A 24 8.49 8.62 -24.38
C LEU A 24 7.86 7.53 -23.52
N ASN A 25 7.97 6.28 -23.98
CA ASN A 25 7.36 5.14 -23.32
C ASN A 25 8.43 4.24 -22.70
N CYS A 26 8.09 3.63 -21.57
CA CYS A 26 8.88 2.56 -20.98
C CYS A 26 7.92 1.45 -20.59
N TYR A 27 7.96 0.35 -21.33
CA TYR A 27 7.00 -0.73 -21.18
C TYR A 27 7.65 -1.90 -20.46
N VAL A 28 7.16 -2.20 -19.26
CA VAL A 28 7.65 -3.32 -18.45
C VAL A 28 6.56 -4.38 -18.42
N SER A 29 6.93 -5.61 -18.78
CA SER A 29 5.95 -6.68 -18.93
C SER A 29 6.55 -8.00 -18.47
N GLY A 30 5.64 -8.94 -18.17
CA GLY A 30 6.03 -10.29 -17.82
C GLY A 30 6.72 -10.44 -16.49
N PHE A 31 6.40 -9.59 -15.51
CA PHE A 31 7.08 -9.64 -14.23
C PHE A 31 6.14 -10.08 -13.12
N HIS A 32 6.74 -10.61 -12.06
CA HIS A 32 6.05 -11.03 -10.85
C HIS A 32 7.10 -11.14 -9.74
N PRO A 33 6.77 -10.66 -8.52
CA PRO A 33 5.49 -10.06 -8.11
C PRO A 33 5.29 -8.63 -8.63
N SER A 34 4.22 -7.96 -8.19
CA SER A 34 3.79 -6.74 -8.85
C SER A 34 4.55 -5.49 -8.40
N ASP A 35 5.16 -5.49 -7.22
CA ASP A 35 5.91 -4.32 -6.79
C ASP A 35 7.09 -4.06 -7.72
N ILE A 36 7.14 -2.84 -8.27
CA ILE A 36 8.18 -2.49 -9.23
C ILE A 36 8.41 -0.99 -9.16
N GLU A 37 9.65 -0.59 -9.41
CA GLU A 37 10.05 0.81 -9.49
C GLU A 37 10.39 1.14 -10.93
N VAL A 38 9.71 2.13 -11.50
CA VAL A 38 9.98 2.57 -12.87
C VAL A 38 10.10 4.09 -12.87
N ASP A 39 11.18 4.58 -13.46
CA ASP A 39 11.41 6.01 -13.59
C ASP A 39 11.98 6.30 -14.97
N LEU A 40 11.52 7.39 -15.57
CA LEU A 40 12.05 7.88 -16.84
C LEU A 40 13.09 8.96 -16.56
N LEU A 41 14.20 8.90 -17.30
CA LEU A 41 15.35 9.75 -17.04
C LEU A 41 15.63 10.63 -18.25
N LYS A 42 15.84 11.92 -18.00
CA LYS A 42 16.34 12.86 -19.00
C LYS A 42 17.73 13.29 -18.56
N ASN A 43 18.76 12.86 -19.31
CA ASN A 43 20.16 13.14 -18.98
C ASN A 43 20.49 12.66 -17.57
N GLY A 44 19.94 11.50 -17.20
CA GLY A 44 20.23 10.88 -15.93
C GLY A 44 19.41 11.36 -14.75
N GLU A 45 18.49 12.29 -14.96
CA GLU A 45 17.70 12.86 -13.87
C GLU A 45 16.24 12.44 -14.00
N ARG A 46 15.63 12.12 -12.87
CA ARG A 46 14.27 11.59 -12.85
C ARG A 46 13.28 12.63 -13.33
N ILE A 47 12.42 12.23 -14.28
CA ILE A 47 11.36 13.10 -14.79
C ILE A 47 10.17 13.01 -13.85
N GLU A 48 9.59 14.17 -13.52
CA GLU A 48 8.51 14.21 -12.53
C GLU A 48 7.15 13.91 -13.15
N LYS A 49 6.82 14.56 -14.26
CA LYS A 49 5.49 14.42 -14.88
C LYS A 49 5.47 13.15 -15.72
N VAL A 50 5.45 12.01 -15.03
CA VAL A 50 5.34 10.70 -15.64
C VAL A 50 4.01 10.09 -15.23
N GLU A 51 3.25 9.61 -16.21
CA GLU A 51 2.03 8.86 -15.97
C GLU A 51 2.28 7.37 -16.16
N HIS A 52 1.36 6.56 -15.66
CA HIS A 52 1.47 5.12 -15.84
C HIS A 52 0.08 4.51 -15.93
N SER A 53 -0.02 3.43 -16.69
CA SER A 53 -1.27 2.70 -16.83
C SER A 53 -1.61 2.00 -15.52
N ASP A 54 -2.86 1.55 -15.41
CA ASP A 54 -3.29 0.79 -14.26
C ASP A 54 -2.77 -0.64 -14.35
N LEU A 55 -2.37 -1.20 -13.21
CA LEU A 55 -1.80 -2.53 -13.16
C LEU A 55 -2.74 -3.56 -13.77
N SER A 56 -2.25 -4.27 -14.79
CA SER A 56 -2.97 -5.36 -15.42
C SER A 56 -2.00 -6.51 -15.64
N PHE A 57 -2.51 -7.63 -16.13
CA PHE A 57 -1.65 -8.79 -16.33
C PHE A 57 -2.12 -9.57 -17.56
N SER A 58 -1.30 -10.54 -17.96
CA SER A 58 -1.52 -11.32 -19.18
C SER A 58 -2.15 -12.67 -18.85
N LYS A 59 -2.31 -13.49 -19.89
CA LYS A 59 -2.95 -14.79 -19.73
C LYS A 59 -2.15 -15.70 -18.80
N ASP A 60 -0.83 -15.52 -18.74
CA ASP A 60 0.02 -16.30 -17.85
C ASP A 60 0.15 -15.70 -16.46
N TRP A 61 -0.67 -14.70 -16.14
CA TRP A 61 -0.76 -14.00 -14.86
C TRP A 61 0.36 -12.99 -14.63
N SER A 62 1.31 -12.85 -15.56
CA SER A 62 2.41 -11.92 -15.37
C SER A 62 1.95 -10.49 -15.64
N PHE A 63 2.45 -9.57 -14.83
CA PHE A 63 1.99 -8.19 -14.86
C PHE A 63 2.71 -7.39 -15.95
N TYR A 64 2.09 -6.27 -16.33
CA TYR A 64 2.69 -5.34 -17.27
C TYR A 64 2.19 -3.94 -16.97
N LEU A 65 3.06 -2.96 -17.24
CA LEU A 65 2.75 -1.56 -17.02
C LEU A 65 3.43 -0.71 -18.08
N LEU A 66 2.81 0.42 -18.39
CA LEU A 66 3.36 1.38 -19.35
C LEU A 66 3.50 2.73 -18.67
N TYR A 67 4.73 3.19 -18.52
CA TYR A 67 5.02 4.55 -18.05
C TYR A 67 5.29 5.43 -19.25
N TYR A 68 4.73 6.64 -19.24
CA TYR A 68 4.85 7.52 -20.39
C TYR A 68 4.88 8.98 -19.94
N THR A 69 5.53 9.81 -20.75
CA THR A 69 5.66 11.23 -20.49
C THR A 69 5.81 11.96 -21.81
N GLU A 70 5.35 13.21 -21.83
CA GLU A 70 5.52 14.06 -23.01
C GLU A 70 6.93 14.62 -23.05
N PHE A 71 7.53 14.64 -24.22
CA PHE A 71 8.86 15.19 -24.39
C PHE A 71 9.05 15.65 -25.83
N THR A 72 9.93 16.62 -26.00
CA THR A 72 10.35 17.07 -27.33
C THR A 72 11.79 16.64 -27.54
N PRO A 73 12.05 15.62 -28.35
CA PRO A 73 13.42 15.10 -28.47
C PRO A 73 14.33 16.07 -29.21
N THR A 74 15.59 16.08 -28.78
CA THR A 74 16.66 16.81 -29.44
C THR A 74 17.78 15.84 -29.83
N GLU A 75 18.82 16.35 -30.48
CA GLU A 75 19.91 15.49 -30.91
C GLU A 75 20.84 15.14 -29.76
N LYS A 76 20.92 15.99 -28.73
CA LYS A 76 21.83 15.77 -27.62
C LYS A 76 21.17 15.20 -26.37
N ASP A 77 19.87 15.40 -26.19
CA ASP A 77 19.18 14.95 -24.99
C ASP A 77 19.17 13.42 -24.93
N GLU A 78 19.74 12.87 -23.87
CA GLU A 78 19.70 11.42 -23.63
C GLU A 78 18.51 11.09 -22.74
N TYR A 79 17.80 10.02 -23.11
CA TYR A 79 16.66 9.55 -22.35
C TYR A 79 16.83 8.08 -22.02
N ALA A 80 16.26 7.67 -20.89
CA ALA A 80 16.41 6.30 -20.42
C ALA A 80 15.31 5.98 -19.43
N CYS A 81 15.14 4.68 -19.19
CA CYS A 81 14.20 4.17 -18.20
C CYS A 81 14.98 3.38 -17.15
N ARG A 82 14.72 3.66 -15.89
CA ARG A 82 15.35 2.95 -14.78
C ARG A 82 14.31 2.07 -14.10
N VAL A 83 14.60 0.77 -14.03
CA VAL A 83 13.68 -0.22 -13.48
C VAL A 83 14.40 -0.97 -12.37
N ASN A 84 13.72 -1.14 -11.25
CA ASN A 84 14.18 -1.94 -10.13
C ASN A 84 13.09 -2.93 -9.78
N HIS A 85 13.46 -4.14 -9.46
CA HIS A 85 12.54 -5.21 -9.15
C HIS A 85 13.26 -6.24 -8.31
N VAL A 86 12.53 -7.03 -7.56
CA VAL A 86 13.14 -8.00 -6.67
C VAL A 86 13.97 -9.03 -7.44
N THR A 87 13.66 -9.25 -8.72
CA THR A 87 14.44 -10.16 -9.55
C THR A 87 15.75 -9.55 -10.03
N LEU A 88 15.94 -8.24 -9.90
CA LEU A 88 17.15 -7.57 -10.35
C LEU A 88 18.04 -7.26 -9.14
N SER A 89 19.32 -7.63 -9.24
CA SER A 89 20.24 -7.39 -8.14
C SER A 89 20.54 -5.90 -7.96
N GLN A 90 20.43 -5.13 -9.04
CA GLN A 90 20.59 -3.68 -8.97
C GLN A 90 19.69 -3.07 -10.03
N PRO A 91 19.36 -1.78 -9.91
CA PRO A 91 18.49 -1.15 -10.91
C PRO A 91 19.05 -1.27 -12.32
N LYS A 92 18.18 -1.55 -13.28
CA LYS A 92 18.56 -1.70 -14.68
C LYS A 92 18.18 -0.43 -15.43
N ILE A 93 19.16 0.21 -16.05
CA ILE A 93 18.95 1.40 -16.86
C ILE A 93 18.97 0.99 -18.33
N VAL A 94 17.89 1.28 -19.04
CA VAL A 94 17.77 1.00 -20.46
C VAL A 94 17.65 2.34 -21.17
N LYS A 95 18.66 2.69 -21.97
CA LYS A 95 18.68 3.97 -22.65
C LYS A 95 17.75 3.95 -23.86
N TRP A 96 17.21 5.11 -24.19
CA TRP A 96 16.33 5.23 -25.35
C TRP A 96 17.16 5.22 -26.62
N ASP A 97 16.90 4.24 -27.49
CA ASP A 97 17.57 4.12 -28.78
C ASP A 97 16.50 4.20 -29.86
N ARG A 98 16.63 5.25 -30.64
CA ARG A 98 15.76 5.55 -31.75
C ARG A 98 15.57 4.41 -32.72
N ASP A 99 16.36 3.36 -32.61
CA ASP A 99 16.19 2.19 -33.44
C ASP A 99 15.71 0.94 -32.70
N MET A 100 15.09 1.11 -31.54
CA MET A 100 14.60 -0.03 -30.79
C MET A 100 13.21 0.13 -30.10
N ALA B 1 -2.60 6.51 -0.06
CA ALA B 1 -1.99 5.32 -0.62
C ALA B 1 -2.36 4.07 0.16
N ILE B 2 -1.64 3.85 1.25
CA ILE B 2 -1.85 2.70 2.12
C ILE B 2 -2.78 3.11 3.25
N GLN B 3 -3.61 2.19 3.66
CA GLN B 3 -4.56 2.41 4.69
C GLN B 3 -4.44 1.43 5.82
N ARG B 4 -4.60 1.92 7.04
CA ARG B 4 -4.49 1.11 8.23
C ARG B 4 -5.80 1.21 8.99
N THR B 5 -6.39 0.06 9.28
CA THR B 5 -7.64 0.03 10.00
C THR B 5 -7.39 0.28 11.49
N PRO B 6 -8.13 1.19 12.11
CA PRO B 6 -7.93 1.42 13.55
C PRO B 6 -8.31 0.21 14.37
N LYS B 7 -7.53 -0.04 15.42
CA LYS B 7 -7.86 -1.03 16.43
C LYS B 7 -8.44 -0.30 17.63
N ILE B 8 -9.61 -0.75 18.09
CA ILE B 8 -10.43 -0.01 19.04
C ILE B 8 -10.53 -0.80 20.33
N GLN B 9 -10.31 -0.13 21.47
CA GLN B 9 -10.49 -0.73 22.79
C GLN B 9 -11.28 0.24 23.65
N VAL B 10 -12.30 -0.29 24.34
CA VAL B 10 -13.11 0.47 25.27
C VAL B 10 -12.93 -0.14 26.65
N TYR B 11 -12.65 0.70 27.64
CA TYR B 11 -12.27 0.25 28.97
C TYR B 11 -12.29 1.43 29.92
N SER B 12 -12.27 1.14 31.20
CA SER B 12 -12.22 2.16 32.24
C SER B 12 -10.79 2.36 32.72
N ARG B 13 -10.52 3.55 33.26
CA ARG B 13 -9.20 3.85 33.80
C ARG B 13 -8.89 2.94 34.98
N HIS B 14 -9.82 2.83 35.92
CA HIS B 14 -9.71 1.96 37.08
C HIS B 14 -10.72 0.84 36.98
N PRO B 15 -10.55 -0.23 37.77
CA PRO B 15 -11.59 -1.27 37.81
C PRO B 15 -12.95 -0.66 38.13
N ALA B 16 -13.94 -1.01 37.30
CA ALA B 16 -15.25 -0.39 37.37
C ALA B 16 -16.07 -0.96 38.52
N GLU B 17 -16.46 -0.10 39.45
CA GLU B 17 -17.41 -0.46 40.49
C GLU B 17 -18.54 0.56 40.56
N ASN B 18 -19.75 0.06 40.67
CA ASN B 18 -20.90 0.92 40.67
C ASN B 18 -20.98 1.91 41.78
N GLY B 19 -21.22 3.15 41.41
CA GLY B 19 -21.34 4.22 42.36
C GLY B 19 -20.10 5.05 42.46
N LYS B 20 -18.95 4.49 42.10
CA LYS B 20 -17.70 5.24 42.16
C LYS B 20 -17.35 5.88 40.83
N SER B 21 -16.92 7.13 40.86
CA SER B 21 -16.56 7.81 39.64
C SER B 21 -15.32 7.20 39.05
N ASN B 22 -15.25 7.25 37.73
CA ASN B 22 -14.16 6.68 36.98
C ASN B 22 -14.04 7.44 35.69
N PHE B 23 -13.28 6.90 34.78
CA PHE B 23 -13.10 7.49 33.49
C PHE B 23 -13.33 6.39 32.49
N LEU B 24 -14.11 6.67 31.47
CA LEU B 24 -14.33 5.73 30.42
C LEU B 24 -13.40 6.11 29.26
N ASN B 25 -12.70 5.14 28.73
CA ASN B 25 -11.76 5.36 27.67
C ASN B 25 -12.05 4.64 26.38
N CYS B 26 -11.71 5.30 25.29
CA CYS B 26 -11.74 4.68 23.97
C CYS B 26 -10.42 4.96 23.30
N TYR B 27 -9.61 3.92 23.13
CA TYR B 27 -8.27 4.04 22.58
C TYR B 27 -8.27 3.49 21.16
N VAL B 28 -8.01 4.36 20.19
CA VAL B 28 -7.91 3.97 18.78
C VAL B 28 -6.46 4.12 18.37
N SER B 29 -5.90 3.09 17.75
CA SER B 29 -4.47 3.08 17.45
C SER B 29 -4.22 2.35 16.15
N GLY B 30 -3.05 2.61 15.58
CA GLY B 30 -2.62 1.92 14.37
C GLY B 30 -3.40 2.26 13.12
N PHE B 31 -3.93 3.48 13.01
CA PHE B 31 -4.75 3.84 11.87
C PHE B 31 -4.05 4.87 11.00
N HIS B 32 -4.48 4.91 9.74
CA HIS B 32 -4.00 5.87 8.75
C HIS B 32 -4.99 5.88 7.59
N PRO B 33 -5.33 7.07 7.07
CA PRO B 33 -4.85 8.41 7.44
C PRO B 33 -5.40 8.91 8.78
N SER B 34 -5.10 10.17 9.10
CA SER B 34 -5.33 10.67 10.46
C SER B 34 -6.78 11.06 10.73
N ASP B 35 -7.57 11.36 9.70
CA ASP B 35 -8.95 11.76 9.93
C ASP B 35 -9.75 10.59 10.52
N ILE B 36 -10.43 10.85 11.64
CA ILE B 36 -11.18 9.81 12.33
C ILE B 36 -12.27 10.47 13.16
N GLU B 37 -13.41 9.79 13.28
CA GLU B 37 -14.51 10.20 14.12
C GLU B 37 -14.60 9.24 15.30
N VAL B 38 -14.53 9.76 16.52
CA VAL B 38 -14.66 8.95 17.72
C VAL B 38 -15.68 9.62 18.64
N ASP B 39 -16.65 8.86 19.10
CA ASP B 39 -17.64 9.32 20.02
C ASP B 39 -17.88 8.29 21.10
N LEU B 40 -18.04 8.74 22.32
CA LEU B 40 -18.41 7.89 23.44
C LEU B 40 -19.91 7.97 23.66
N LEU B 41 -20.55 6.82 23.85
CA LEU B 41 -22.00 6.72 23.90
C LEU B 41 -22.44 6.23 25.27
N LYS B 42 -23.46 6.87 25.82
CA LYS B 42 -24.16 6.40 27.01
C LYS B 42 -25.57 6.03 26.59
N ASN B 43 -25.87 4.73 26.63
CA ASN B 43 -27.17 4.22 26.20
C ASN B 43 -27.49 4.66 24.77
N GLY B 44 -26.47 4.66 23.92
CA GLY B 44 -26.63 4.99 22.51
C GLY B 44 -26.63 6.46 22.19
N GLU B 45 -26.31 7.32 23.15
CA GLU B 45 -26.39 8.77 22.98
C GLU B 45 -25.00 9.37 23.14
N ARG B 46 -24.63 10.24 22.19
CA ARG B 46 -23.31 10.83 22.18
C ARG B 46 -23.08 11.69 23.41
N ILE B 47 -21.97 11.44 24.11
CA ILE B 47 -21.61 12.21 25.30
C ILE B 47 -20.90 13.49 24.88
N GLU B 48 -21.30 14.61 25.46
CA GLU B 48 -20.77 15.90 25.04
C GLU B 48 -19.39 16.17 25.65
N LYS B 49 -19.25 15.97 26.96
CA LYS B 49 -18.04 16.36 27.68
C LYS B 49 -16.98 15.25 27.55
N VAL B 50 -16.47 15.11 26.33
CA VAL B 50 -15.42 14.15 26.01
C VAL B 50 -14.16 14.94 25.65
N GLU B 51 -13.03 14.53 26.23
CA GLU B 51 -11.73 15.07 25.88
C GLU B 51 -10.92 14.01 25.14
N HIS B 52 -9.89 14.46 24.44
CA HIS B 52 -9.04 13.56 23.67
C HIS B 52 -7.60 14.02 23.72
N SER B 53 -6.68 13.06 23.59
CA SER B 53 -5.26 13.37 23.56
C SER B 53 -4.89 14.07 22.27
N ASP B 54 -3.69 14.64 22.25
CA ASP B 54 -3.16 15.26 21.05
C ASP B 54 -2.71 14.19 20.07
N LEU B 55 -3.00 14.43 18.79
CA LEU B 55 -2.65 13.48 17.74
C LEU B 55 -1.17 13.14 17.78
N SER B 56 -0.88 11.85 17.92
CA SER B 56 0.48 11.33 17.91
C SER B 56 0.50 10.05 17.09
N PHE B 57 1.69 9.49 16.89
CA PHE B 57 1.81 8.29 16.09
C PHE B 57 2.95 7.43 16.62
N SER B 58 3.00 6.20 16.13
CA SER B 58 3.97 5.21 16.57
C SER B 58 5.16 5.16 15.62
N LYS B 59 6.02 4.16 15.82
CA LYS B 59 7.28 4.08 15.08
C LYS B 59 7.04 3.64 13.64
N ASP B 60 5.98 2.87 13.40
CA ASP B 60 5.56 2.52 12.06
C ASP B 60 4.74 3.61 11.39
N TRP B 61 4.67 4.79 12.01
CA TRP B 61 4.01 6.02 11.56
C TRP B 61 2.50 5.99 11.74
N SER B 62 1.92 4.91 12.26
CA SER B 62 0.48 4.82 12.43
C SER B 62 0.03 5.64 13.64
N PHE B 63 -1.12 6.30 13.51
CA PHE B 63 -1.59 7.23 14.51
C PHE B 63 -2.33 6.51 15.64
N TYR B 64 -2.45 7.20 16.78
CA TYR B 64 -3.24 6.72 17.90
C TYR B 64 -3.85 7.90 18.64
N LEU B 65 -5.04 7.70 19.19
CA LEU B 65 -5.74 8.71 19.97
C LEU B 65 -6.43 8.06 21.15
N LEU B 66 -6.54 8.83 22.24
CA LEU B 66 -7.28 8.40 23.43
C LEU B 66 -8.39 9.40 23.70
N TYR B 67 -9.64 8.95 23.60
CA TYR B 67 -10.79 9.73 24.02
C TYR B 67 -11.24 9.24 25.39
N TYR B 68 -11.59 10.19 26.26
CA TYR B 68 -11.91 9.84 27.65
C TYR B 68 -12.92 10.82 28.20
N THR B 69 -13.72 10.34 29.15
CA THR B 69 -14.74 11.14 29.82
C THR B 69 -14.96 10.56 31.21
N GLU B 70 -15.33 11.43 32.15
CA GLU B 70 -15.62 10.97 33.50
C GLU B 70 -17.04 10.46 33.56
N PHE B 71 -17.22 9.32 34.24
CA PHE B 71 -18.53 8.70 34.35
C PHE B 71 -18.60 7.93 35.65
N THR B 72 -19.82 7.73 36.13
CA THR B 72 -20.06 6.88 37.29
C THR B 72 -20.79 5.64 36.82
N PRO B 73 -20.15 4.46 36.84
CA PRO B 73 -20.81 3.27 36.31
C PRO B 73 -21.98 2.84 37.17
N THR B 74 -22.98 2.28 36.51
CA THR B 74 -24.11 1.63 37.16
C THR B 74 -24.28 0.26 36.51
N GLU B 75 -25.14 -0.56 37.10
CA GLU B 75 -25.37 -1.88 36.55
C GLU B 75 -26.21 -1.81 35.28
N LYS B 76 -27.01 -0.75 35.15
CA LYS B 76 -27.96 -0.61 34.05
C LYS B 76 -27.37 0.12 32.85
N ASP B 77 -26.53 1.12 33.09
CA ASP B 77 -26.14 2.05 32.03
C ASP B 77 -25.23 1.37 31.01
N GLU B 78 -25.51 1.61 29.74
CA GLU B 78 -24.71 1.05 28.66
C GLU B 78 -23.77 2.09 28.12
N TYR B 79 -22.52 1.70 27.93
CA TYR B 79 -21.49 2.59 27.42
C TYR B 79 -20.82 1.91 26.23
N ALA B 80 -20.43 2.73 25.25
CA ALA B 80 -19.86 2.23 24.01
C ALA B 80 -19.07 3.36 23.36
N CYS B 81 -18.25 2.96 22.39
CA CYS B 81 -17.48 3.89 21.58
C CYS B 81 -17.85 3.68 20.12
N ARG B 82 -18.12 4.76 19.40
CA ARG B 82 -18.45 4.71 17.99
C ARG B 82 -17.30 5.31 17.21
N VAL B 83 -16.75 4.54 16.27
CA VAL B 83 -15.60 4.94 15.48
C VAL B 83 -15.97 4.86 14.01
N ASN B 84 -15.68 5.93 13.27
CA ASN B 84 -15.78 5.90 11.82
C ASN B 84 -14.46 6.34 11.21
N HIS B 85 -14.05 5.65 10.16
CA HIS B 85 -12.78 5.88 9.49
C HIS B 85 -12.96 5.47 8.04
N VAL B 86 -12.06 5.97 7.18
CA VAL B 86 -12.17 5.67 5.75
C VAL B 86 -12.04 4.17 5.48
N THR B 87 -11.38 3.44 6.38
CA THR B 87 -11.19 2.00 6.20
C THR B 87 -12.41 1.17 6.63
N LEU B 88 -13.40 1.79 7.26
CA LEU B 88 -14.60 1.10 7.72
C LEU B 88 -15.77 1.43 6.81
N SER B 89 -16.49 0.40 6.35
CA SER B 89 -17.65 0.61 5.50
C SER B 89 -18.73 1.41 6.22
N GLN B 90 -18.88 1.20 7.52
CA GLN B 90 -19.88 1.89 8.33
C GLN B 90 -19.29 2.10 9.71
N PRO B 91 -19.85 3.01 10.51
CA PRO B 91 -19.34 3.21 11.86
C PRO B 91 -19.35 1.92 12.66
N LYS B 92 -18.25 1.67 13.38
CA LYS B 92 -18.13 0.50 14.24
C LYS B 92 -18.40 0.89 15.68
N ILE B 93 -19.35 0.20 16.31
CA ILE B 93 -19.70 0.45 17.70
C ILE B 93 -19.12 -0.67 18.55
N VAL B 94 -18.26 -0.30 19.48
CA VAL B 94 -17.64 -1.25 20.40
C VAL B 94 -18.21 -0.97 21.79
N LYS B 95 -18.98 -1.90 22.31
CA LYS B 95 -19.62 -1.74 23.60
C LYS B 95 -18.62 -1.94 24.74
N TRP B 96 -18.76 -1.14 25.79
CA TRP B 96 -17.89 -1.27 26.95
C TRP B 96 -18.22 -2.56 27.69
N ASP B 97 -17.27 -3.50 27.69
CA ASP B 97 -17.41 -4.74 28.44
C ASP B 97 -16.60 -4.62 29.72
N ARG B 98 -17.22 -4.90 30.84
CA ARG B 98 -16.52 -4.80 32.08
C ARG B 98 -15.43 -5.84 32.18
N ASP B 99 -15.10 -6.50 31.07
CA ASP B 99 -14.06 -7.52 31.09
C ASP B 99 -13.11 -7.53 29.91
N MET B 100 -12.96 -6.39 29.24
CA MET B 100 -12.07 -6.28 28.09
C MET B 100 -11.53 -4.87 27.94
N GLY C 1 19.31 6.22 33.97
CA GLY C 1 18.93 6.02 32.58
C GLY C 1 18.52 4.59 32.28
N PRO C 2 18.27 4.28 31.00
CA PRO C 2 18.35 5.21 29.87
C PRO C 2 17.05 5.99 29.66
N HIS C 3 17.08 7.01 28.80
CA HIS C 3 15.90 7.83 28.57
C HIS C 3 15.88 8.29 27.11
N SER C 4 14.74 8.85 26.71
CA SER C 4 14.52 9.24 25.33
C SER C 4 13.70 10.52 25.27
N LEU C 5 14.10 11.41 24.36
CA LEU C 5 13.30 12.56 23.98
C LEU C 5 12.87 12.37 22.54
N ARG C 6 11.60 12.63 22.24
CA ARG C 6 11.09 12.40 20.91
C ARG C 6 9.96 13.36 20.61
N TYR C 7 9.93 13.87 19.38
CA TYR C 7 8.86 14.71 18.88
C TYR C 7 8.16 14.01 17.73
N PHE C 8 6.85 14.10 17.70
CA PHE C 8 6.02 13.49 16.66
C PHE C 8 5.23 14.60 15.99
N VAL C 9 5.59 14.93 14.74
CA VAL C 9 5.04 16.09 14.04
C VAL C 9 4.27 15.60 12.83
N THR C 10 3.04 16.09 12.66
CA THR C 10 2.16 15.67 11.59
C THR C 10 1.58 16.89 10.88
N ALA C 11 1.56 16.84 9.56
CA ALA C 11 0.88 17.84 8.75
C ALA C 11 -0.01 17.13 7.74
N VAL C 12 -1.23 17.65 7.55
CA VAL C 12 -2.22 17.02 6.69
C VAL C 12 -2.81 18.09 5.78
N SER C 13 -2.63 17.92 4.48
CA SER C 13 -3.20 18.84 3.52
C SER C 13 -4.71 18.64 3.40
N ARG C 14 -5.41 19.75 3.16
CA ARG C 14 -6.87 19.76 3.01
C ARG C 14 -7.26 20.77 1.93
N PRO C 15 -7.07 20.42 0.64
CA PRO C 15 -7.51 21.31 -0.45
C PRO C 15 -9.02 21.55 -0.50
N GLY C 16 -9.41 22.80 -0.78
CA GLY C 16 -10.82 23.14 -0.73
C GLY C 16 -11.34 23.44 0.66
N LEU C 17 -10.52 23.21 1.69
CA LEU C 17 -10.90 23.51 3.06
C LEU C 17 -10.00 24.54 3.73
N GLY C 18 -8.75 24.65 3.33
CA GLY C 18 -7.89 25.69 3.86
C GLY C 18 -6.44 25.21 3.94
N GLU C 19 -5.72 25.82 4.88
CA GLU C 19 -4.32 25.51 5.06
C GLU C 19 -4.16 24.15 5.74
N PRO C 20 -3.02 23.48 5.53
CA PRO C 20 -2.84 22.15 6.12
C PRO C 20 -2.91 22.18 7.63
N ARG C 21 -3.47 21.11 8.20
CA ARG C 21 -3.40 20.91 9.64
C ARG C 21 -1.95 20.65 10.04
N PHE C 22 -1.55 21.19 11.19
CA PHE C 22 -0.19 21.02 11.68
C PHE C 22 -0.24 20.77 13.18
N ILE C 23 0.37 19.68 13.62
CA ILE C 23 0.37 19.28 15.02
C ILE C 23 1.74 18.73 15.38
N ALA C 24 2.32 19.23 16.46
CA ALA C 24 3.58 18.73 16.98
C ALA C 24 3.39 18.35 18.44
N VAL C 25 3.92 17.20 18.84
CA VAL C 25 3.85 16.70 20.21
C VAL C 25 5.18 16.16 20.65
N GLY C 26 5.58 16.48 21.86
CA GLY C 26 6.86 16.06 22.43
C GLY C 26 6.66 15.09 23.57
N TYR C 27 7.54 14.09 23.64
CA TYR C 27 7.49 13.06 24.67
C TYR C 27 8.86 12.92 25.31
N VAL C 28 8.87 12.70 26.62
CA VAL C 28 10.03 12.21 27.35
C VAL C 28 9.68 10.80 27.83
N ASP C 29 10.37 9.80 27.30
CA ASP C 29 10.02 8.39 27.46
C ASP C 29 8.59 8.23 26.96
N ASP C 30 7.64 7.76 27.77
CA ASP C 30 6.25 7.65 27.37
C ASP C 30 5.38 8.71 28.03
N THR C 31 5.97 9.87 28.34
CA THR C 31 5.27 10.97 29.00
C THR C 31 5.28 12.18 28.08
N GLN C 32 4.10 12.59 27.63
CA GLN C 32 3.99 13.80 26.83
C GLN C 32 4.19 15.03 27.71
N PHE C 33 4.86 16.05 27.17
CA PHE C 33 5.11 17.25 27.95
C PHE C 33 4.87 18.56 27.20
N VAL C 34 4.79 18.57 25.88
CA VAL C 34 4.53 19.79 25.11
C VAL C 34 3.65 19.46 23.91
N ARG C 35 3.09 20.50 23.32
CA ARG C 35 2.30 20.35 22.10
C ARG C 35 2.26 21.69 21.37
N PHE C 36 2.09 21.61 20.05
CA PHE C 36 1.72 22.75 19.23
C PHE C 36 0.62 22.31 18.28
N ASP C 37 -0.50 23.04 18.28
CA ASP C 37 -1.69 22.64 17.53
C ASP C 37 -2.15 23.82 16.68
N SER C 38 -2.09 23.66 15.36
CA SER C 38 -2.51 24.73 14.46
C SER C 38 -4.01 24.99 14.49
N ASP C 39 -4.80 24.04 14.97
CA ASP C 39 -6.25 24.18 15.03
C ASP C 39 -6.74 24.61 16.41
N ALA C 40 -5.84 24.96 17.32
CA ALA C 40 -6.25 25.45 18.63
C ALA C 40 -6.77 26.88 18.51
N ASP C 41 -7.40 27.35 19.59
CA ASP C 41 -7.93 28.71 19.61
C ASP C 41 -6.81 29.74 19.41
N ASN C 42 -5.68 29.58 20.11
CA ASN C 42 -4.49 30.40 19.90
C ASN C 42 -3.31 29.46 19.73
N PRO C 43 -2.97 29.12 18.48
CA PRO C 43 -1.89 28.13 18.24
C PRO C 43 -0.57 28.61 18.82
N ARG C 44 0.00 27.80 19.71
CA ARG C 44 1.20 28.13 20.42
C ARG C 44 1.83 26.93 21.12
N PHE C 45 3.12 26.93 21.32
CA PHE C 45 3.78 25.85 22.01
C PHE C 45 3.36 25.96 23.45
N GLU C 46 2.83 24.88 24.01
CA GLU C 46 2.33 24.88 25.37
C GLU C 46 2.65 23.62 26.16
N PRO C 47 2.71 23.75 27.46
CA PRO C 47 3.05 22.58 28.28
C PRO C 47 1.88 21.61 28.40
N ARG C 48 2.23 20.32 28.52
CA ARG C 48 1.24 19.28 28.72
C ARG C 48 1.57 18.38 29.91
N ALA C 49 2.55 18.78 30.69
CA ALA C 49 2.94 18.06 31.85
C ALA C 49 3.15 19.10 32.94
N PRO C 50 2.73 18.72 34.20
CA PRO C 50 2.91 19.74 35.23
C PRO C 50 4.32 20.26 35.40
N TRP C 51 5.32 19.42 35.34
CA TRP C 51 6.67 19.90 35.52
C TRP C 51 7.18 20.87 34.48
N MET C 52 6.33 21.33 33.60
CA MET C 52 6.71 22.28 32.55
C MET C 52 6.10 23.66 32.73
N GLU C 53 5.26 23.87 33.75
CA GLU C 53 4.61 25.17 33.98
C GLU C 53 5.55 26.25 34.47
N GLN C 54 6.79 25.92 34.83
CA GLN C 54 7.65 26.92 35.44
C GLN C 54 8.71 27.44 34.49
N GLU C 55 8.70 26.99 33.24
CA GLU C 55 9.62 27.52 32.25
C GLU C 55 9.21 28.94 31.86
N GLY C 56 10.22 29.79 31.67
CA GLY C 56 9.99 31.19 31.39
C GLY C 56 9.31 31.43 30.06
N PRO C 57 8.85 32.65 29.86
CA PRO C 57 8.17 32.98 28.58
C PRO C 57 9.09 32.91 27.37
N GLU C 58 10.41 33.04 27.54
CA GLU C 58 11.31 32.95 26.40
C GLU C 58 11.47 31.53 25.90
N TYR C 59 11.21 30.53 26.75
CA TYR C 59 11.18 29.14 26.28
C TYR C 59 10.02 28.94 25.30
N TRP C 60 8.81 29.34 25.70
CA TRP C 60 7.64 29.15 24.85
C TRP C 60 7.71 30.05 23.62
N GLU C 61 8.36 31.21 23.72
CA GLU C 61 8.47 32.11 22.58
C GLU C 61 9.35 31.50 21.49
N GLU C 62 10.53 31.01 21.87
CA GLU C 62 11.43 30.42 20.88
C GLU C 62 10.86 29.12 20.33
N GLN C 63 10.26 28.29 21.18
CA GLN C 63 9.68 27.04 20.70
C GLN C 63 8.52 27.31 19.75
N THR C 64 7.71 28.32 20.03
CA THR C 64 6.59 28.64 19.15
C THR C 64 7.08 29.10 17.77
N GLN C 65 8.12 29.94 17.75
CA GLN C 65 8.64 30.42 16.47
C GLN C 65 9.27 29.30 15.67
N ARG C 66 9.94 28.36 16.33
CA ARG C 66 10.47 27.20 15.63
C ARG C 66 9.36 26.34 15.06
N ALA C 67 8.28 26.16 15.81
CA ALA C 67 7.13 25.41 15.30
C ALA C 67 6.48 26.15 14.14
N LYS C 68 6.40 27.46 14.22
CA LYS C 68 5.82 28.21 13.12
C LYS C 68 6.65 28.07 11.86
N SER C 69 7.97 28.09 11.99
CA SER C 69 8.83 27.87 10.84
C SER C 69 8.65 26.47 10.26
N ASP C 70 8.58 25.46 11.12
CA ASP C 70 8.40 24.10 10.64
C ASP C 70 7.07 23.92 9.94
N GLU C 71 6.03 24.63 10.41
CA GLU C 71 4.74 24.56 9.72
C GLU C 71 4.85 25.00 8.27
N GLN C 72 5.65 26.04 8.01
CA GLN C 72 5.90 26.46 6.63
C GLN C 72 6.71 25.42 5.89
N TRP C 73 7.66 24.77 6.57
CA TRP C 73 8.42 23.69 5.97
C TRP C 73 7.49 22.58 5.49
N PHE C 74 6.50 22.22 6.30
CA PHE C 74 5.58 21.14 5.92
C PHE C 74 4.68 21.56 4.75
N ARG C 75 4.23 22.81 4.73
CA ARG C 75 3.43 23.28 3.60
C ARG C 75 4.20 23.16 2.29
N VAL C 76 5.47 23.57 2.30
CA VAL C 76 6.30 23.48 1.09
C VAL C 76 6.57 22.01 0.75
N SER C 77 6.93 21.21 1.75
CA SER C 77 7.27 19.81 1.50
C SER C 77 6.07 19.04 0.97
N LEU C 78 4.87 19.34 1.46
CA LEU C 78 3.67 18.68 0.95
C LEU C 78 3.45 19.00 -0.52
N ARG C 79 3.65 20.27 -0.90
CA ARG C 79 3.52 20.64 -2.31
C ARG C 79 4.61 20.01 -3.16
N THR C 80 5.85 19.97 -2.64
CA THR C 80 6.94 19.36 -3.40
C THR C 80 6.72 17.86 -3.56
N ALA C 81 6.27 17.18 -2.51
CA ALA C 81 5.98 15.76 -2.62
C ALA C 81 4.88 15.50 -3.64
N GLN C 82 3.83 16.32 -3.63
CA GLN C 82 2.78 16.19 -4.63
C GLN C 82 3.33 16.32 -6.04
N ARG C 83 4.32 17.19 -6.23
CA ARG C 83 4.93 17.34 -7.54
C ARG C 83 5.87 16.20 -7.87
N TYR C 84 6.66 15.75 -6.89
CA TYR C 84 7.57 14.62 -7.10
C TYR C 84 6.83 13.40 -7.62
N TYR C 85 5.69 13.09 -7.01
CA TYR C 85 4.94 11.88 -7.34
C TYR C 85 3.85 12.11 -8.37
N ASN C 86 3.72 13.34 -8.90
CA ASN C 86 2.78 13.66 -9.97
C ASN C 86 1.34 13.34 -9.56
N GLN C 87 1.00 13.73 -8.34
CA GLN C 87 -0.32 13.45 -7.78
C GLN C 87 -1.27 14.62 -8.01
N SER C 88 -2.57 14.32 -7.92
CA SER C 88 -3.59 15.34 -8.07
C SER C 88 -3.49 16.37 -6.94
N LYS C 89 -3.73 17.63 -7.29
CA LYS C 89 -3.70 18.70 -6.29
C LYS C 89 -4.92 18.71 -5.39
N GLY C 90 -5.95 17.93 -5.70
CA GLY C 90 -7.16 17.90 -4.92
C GLY C 90 -7.23 16.83 -3.85
N GLY C 91 -6.18 16.02 -3.70
CA GLY C 91 -6.18 14.98 -2.70
C GLY C 91 -5.53 15.40 -1.39
N SER C 92 -5.98 14.80 -0.30
CA SER C 92 -5.38 15.04 1.01
C SER C 92 -4.19 14.13 1.20
N HIS C 93 -3.10 14.68 1.73
CA HIS C 93 -1.87 13.93 1.93
C HIS C 93 -1.25 14.29 3.28
N THR C 94 -0.36 13.42 3.74
CA THR C 94 0.23 13.52 5.07
C THR C 94 1.75 13.54 4.96
N PHE C 95 2.38 14.36 5.81
CA PHE C 95 3.83 14.35 5.98
C PHE C 95 4.14 14.33 7.46
N GLN C 96 5.11 13.51 7.86
CA GLN C 96 5.41 13.31 9.26
C GLN C 96 6.91 13.43 9.52
N ARG C 97 7.25 14.04 10.65
CA ARG C 97 8.62 14.09 11.17
C ARG C 97 8.67 13.36 12.50
N MET C 98 9.76 12.64 12.73
CA MET C 98 10.00 11.96 14.01
C MET C 98 11.48 12.12 14.34
N PHE C 99 11.78 12.89 15.38
CA PHE C 99 13.17 13.18 15.71
C PHE C 99 13.33 13.25 17.22
N GLY C 100 14.58 13.14 17.66
CA GLY C 100 14.92 13.16 19.05
C GLY C 100 16.21 12.40 19.30
N CYS C 101 16.45 12.09 20.57
CA CYS C 101 17.70 11.46 20.95
C CYS C 101 17.45 10.48 22.09
N ASP C 102 18.30 9.45 22.15
CA ASP C 102 18.35 8.52 23.26
C ASP C 102 19.65 8.72 24.03
N VAL C 103 19.58 8.67 25.34
CA VAL C 103 20.76 8.80 26.14
C VAL C 103 20.82 7.55 27.00
N GLY C 104 22.01 7.19 27.41
CA GLY C 104 22.18 6.05 28.25
C GLY C 104 22.29 6.51 29.69
N SER C 105 22.44 5.54 30.57
CA SER C 105 22.59 5.78 31.97
C SER C 105 23.59 6.87 32.20
N ASP C 106 24.63 6.93 31.37
CA ASP C 106 25.62 7.96 31.54
C ASP C 106 25.02 9.28 31.17
N TRP C 107 23.93 9.28 30.40
CA TRP C 107 23.17 10.50 30.17
C TRP C 107 23.81 11.32 29.08
N ARG C 108 24.53 10.63 28.23
CA ARG C 108 25.20 11.18 27.06
C ARG C 108 24.48 10.56 25.83
N LEU C 109 24.77 11.10 24.65
CA LEU C 109 24.06 10.68 23.45
C LEU C 109 24.31 9.22 23.14
N LEU C 110 23.23 8.44 23.01
CA LEU C 110 23.31 7.04 22.62
C LEU C 110 22.91 6.82 21.17
N ARG C 111 21.97 7.64 20.71
CA ARG C 111 21.47 7.59 19.36
C ARG C 111 20.59 8.78 19.00
N GLY C 112 20.74 9.33 17.82
CA GLY C 112 19.86 10.41 17.40
C GLY C 112 18.96 9.99 16.25
N TYR C 113 17.82 10.66 16.10
CA TYR C 113 16.85 10.31 15.07
C TYR C 113 16.44 11.56 14.31
N GLN C 114 16.36 11.43 12.98
CA GLN C 114 15.77 12.42 12.09
C GLN C 114 15.08 11.64 10.98
N GLN C 115 13.80 11.35 11.16
CA GLN C 115 13.04 10.51 10.25
C GLN C 115 11.90 11.30 9.64
N PHE C 116 11.61 11.00 8.36
CA PHE C 116 10.58 11.70 7.60
C PHE C 116 9.74 10.67 6.87
N ALA C 117 8.44 10.95 6.76
CA ALA C 117 7.51 10.04 6.12
C ALA C 117 6.49 10.81 5.30
N TYR C 118 6.07 10.21 4.19
CA TYR C 118 5.06 10.80 3.32
C TYR C 118 3.90 9.83 3.19
N ASP C 119 2.70 10.30 3.55
CA ASP C 119 1.50 9.48 3.55
C ASP C 119 1.71 8.16 4.31
N GLY C 120 2.41 8.23 5.44
CA GLY C 120 2.49 7.09 6.34
C GLY C 120 3.57 6.08 6.04
N ARG C 121 4.48 6.38 5.12
CA ARG C 121 5.54 5.45 4.74
C ARG C 121 6.88 6.17 4.78
N ASP C 122 7.94 5.41 5.08
CA ASP C 122 9.30 5.94 5.09
C ASP C 122 9.56 6.75 3.84
N TYR C 123 10.11 7.95 4.03
CA TYR C 123 10.59 8.77 2.92
C TYR C 123 12.09 8.91 2.95
N ILE C 124 12.64 9.54 3.99
CA ILE C 124 14.08 9.64 4.17
C ILE C 124 14.36 9.64 5.67
N ALA C 125 15.54 9.15 6.04
CA ALA C 125 15.91 9.05 7.44
C ALA C 125 17.41 9.20 7.58
N LEU C 126 17.82 9.90 8.64
CA LEU C 126 19.24 10.08 8.93
C LEU C 126 19.80 8.79 9.52
N ASN C 127 20.85 8.26 8.90
CA ASN C 127 21.48 7.06 9.43
C ASN C 127 22.09 7.35 10.79
N GLU C 128 22.38 6.26 11.51
CA GLU C 128 22.82 6.37 12.90
C GLU C 128 24.20 6.98 13.03
N ASP C 129 25.03 6.90 11.98
CA ASP C 129 26.30 7.64 11.98
C ASP C 129 26.09 9.14 11.98
N LEU C 130 24.84 9.61 11.84
CA LEU C 130 24.49 11.02 11.85
C LEU C 130 25.22 11.79 10.75
N LYS C 131 25.52 11.10 9.64
CA LYS C 131 26.29 11.71 8.56
C LYS C 131 25.71 11.38 7.20
N THR C 132 25.04 10.23 7.07
CA THR C 132 24.50 9.80 5.79
C THR C 132 23.01 9.53 5.89
N TRP C 133 22.35 9.53 4.74
CA TRP C 133 20.90 9.38 4.65
C TRP C 133 20.53 8.09 3.96
N THR C 134 19.36 7.56 4.34
CA THR C 134 18.74 6.42 3.68
C THR C 134 17.43 6.87 3.05
N ALA C 135 17.35 6.81 1.73
CA ALA C 135 16.16 7.18 1.00
C ALA C 135 15.33 5.94 0.68
N ALA C 136 14.00 6.09 0.76
CA ALA C 136 13.11 4.95 0.59
C ALA C 136 12.73 4.68 -0.86
N ASP C 137 12.61 5.72 -1.68
CA ASP C 137 12.31 5.55 -3.10
C ASP C 137 13.21 6.50 -3.90
N THR C 138 13.01 6.49 -5.22
CA THR C 138 13.84 7.32 -6.09
C THR C 138 13.49 8.79 -5.99
N ALA C 139 12.25 9.13 -5.60
CA ALA C 139 11.92 10.52 -5.34
C ALA C 139 12.71 11.07 -4.17
N ALA C 140 12.85 10.26 -3.10
CA ALA C 140 13.63 10.68 -1.94
C ALA C 140 15.12 10.71 -2.22
N LEU C 141 15.58 10.04 -3.29
CA LEU C 141 16.97 10.19 -3.71
C LEU C 141 17.25 11.62 -4.15
N ILE C 142 16.27 12.29 -4.75
CA ILE C 142 16.42 13.69 -5.10
C ILE C 142 16.65 14.52 -3.83
N THR C 143 15.82 14.30 -2.82
CA THR C 143 15.97 15.00 -1.55
C THR C 143 17.32 14.69 -0.91
N ARG C 144 17.70 13.43 -0.91
CA ARG C 144 18.95 13.05 -0.32
C ARG C 144 20.15 13.72 -0.97
N ARG C 145 20.16 13.80 -2.28
CA ARG C 145 21.22 14.51 -2.99
C ARG C 145 21.26 15.99 -2.61
N LYS C 146 20.08 16.61 -2.50
CA LYS C 146 20.02 18.03 -2.14
C LYS C 146 20.50 18.27 -0.72
N TRP C 147 20.12 17.39 0.22
CA TRP C 147 20.54 17.56 1.60
C TRP C 147 22.00 17.20 1.83
N GLU C 148 22.52 16.21 1.08
CA GLU C 148 23.94 15.91 1.14
C GLU C 148 24.77 17.08 0.66
N GLN C 149 24.36 17.71 -0.44
CA GLN C 149 25.12 18.83 -1.01
C GLN C 149 25.18 20.00 -0.04
N ALA C 150 24.09 20.26 0.68
CA ALA C 150 24.03 21.39 1.60
C ALA C 150 24.61 21.07 2.98
N GLY C 151 24.91 19.81 3.27
CA GLY C 151 25.41 19.45 4.57
C GLY C 151 24.39 19.57 5.68
N ASP C 152 23.13 19.22 5.40
CA ASP C 152 22.09 19.29 6.41
C ASP C 152 22.34 18.31 7.55
N ALA C 153 23.06 17.22 7.28
CA ALA C 153 23.34 16.23 8.31
C ALA C 153 24.15 16.83 9.45
N GLU C 154 25.05 17.78 9.15
CA GLU C 154 25.81 18.42 10.21
C GLU C 154 24.95 19.38 11.03
N TYR C 155 23.94 20.00 10.42
CA TYR C 155 23.00 20.80 11.19
C TYR C 155 22.20 19.93 12.14
N TYR C 156 21.69 18.81 11.66
CA TYR C 156 20.93 17.90 12.52
C TYR C 156 21.81 17.30 13.61
N ARG C 157 23.03 16.89 13.25
CA ARG C 157 23.92 16.29 14.24
C ARG C 157 24.29 17.29 15.33
N ALA C 158 24.46 18.56 14.95
CA ALA C 158 24.74 19.58 15.95
C ALA C 158 23.59 19.73 16.93
N TYR C 159 22.35 19.63 16.44
CA TYR C 159 21.21 19.65 17.34
C TYR C 159 21.15 18.40 18.21
N LEU C 160 21.36 17.23 17.61
CA LEU C 160 21.15 15.97 18.33
C LEU C 160 22.12 15.83 19.50
N GLU C 161 23.36 16.29 19.35
CA GLU C 161 24.35 16.19 20.42
C GLU C 161 24.40 17.43 21.29
N GLY C 162 23.80 18.54 20.85
CA GLY C 162 23.79 19.79 21.58
C GLY C 162 22.47 19.95 22.30
N GLU C 163 21.51 20.59 21.64
CA GLU C 163 20.26 20.97 22.30
C GLU C 163 19.44 19.76 22.72
N CYS C 164 19.49 18.66 21.95
CA CYS C 164 18.62 17.52 22.24
C CYS C 164 18.97 16.88 23.58
N VAL C 165 20.24 16.55 23.79
CA VAL C 165 20.61 15.85 25.01
C VAL C 165 20.68 16.81 26.19
N GLU C 166 21.05 18.07 25.96
CA GLU C 166 21.11 19.04 27.05
C GLU C 166 19.73 19.30 27.62
N TRP C 167 18.73 19.46 26.77
CA TRP C 167 17.38 19.72 27.25
C TRP C 167 16.69 18.47 27.77
N LEU C 168 17.07 17.28 27.25
CA LEU C 168 16.53 16.05 27.80
C LEU C 168 16.95 15.87 29.26
N ARG C 169 18.23 16.13 29.56
CA ARG C 169 18.68 16.02 30.94
C ARG C 169 17.98 17.02 31.84
N ARG C 170 17.58 18.17 31.30
CA ARG C 170 16.90 19.18 32.11
C ARG C 170 15.43 18.83 32.34
N TYR C 171 14.76 18.28 31.32
CA TYR C 171 13.42 17.75 31.52
C TYR C 171 13.43 16.66 32.58
N LEU C 172 14.42 15.77 32.53
CA LEU C 172 14.57 14.74 33.55
C LEU C 172 14.85 15.32 34.92
N GLU C 173 15.38 16.55 34.99
CA GLU C 173 15.55 17.23 36.27
C GLU C 173 14.25 17.87 36.72
N LEU C 174 13.57 18.58 35.82
CA LEU C 174 12.29 19.19 36.17
C LEU C 174 11.26 18.13 36.55
N GLY C 175 11.29 16.98 35.88
CA GLY C 175 10.31 15.95 36.16
C GLY C 175 10.88 14.74 36.88
N ASN C 176 11.90 14.95 37.70
CA ASN C 176 12.53 13.84 38.40
C ASN C 176 11.58 13.14 39.38
N GLU C 177 10.49 13.81 39.78
CA GLU C 177 9.53 13.19 40.68
C GLU C 177 8.81 12.02 40.02
N THR C 178 8.33 12.22 38.79
CA THR C 178 7.49 11.24 38.13
C THR C 178 8.12 10.61 36.89
N LEU C 179 9.12 11.23 36.27
CA LEU C 179 9.68 10.67 35.04
C LEU C 179 10.56 9.47 35.32
N LEU C 180 11.31 9.50 36.42
CA LEU C 180 12.29 8.47 36.73
C LEU C 180 11.70 7.26 37.43
N ARG C 181 10.38 7.20 37.58
CA ARG C 181 9.74 6.09 38.26
C ARG C 181 9.77 4.85 37.38
N THR C 182 9.48 3.69 38.01
CA THR C 182 9.35 2.44 37.29
C THR C 182 8.27 1.62 38.02
N ASP C 183 7.06 1.62 37.48
CA ASP C 183 5.93 0.93 38.09
C ASP C 183 5.86 -0.49 37.53
N SER C 184 6.01 -1.48 38.41
CA SER C 184 5.89 -2.86 37.99
C SER C 184 4.44 -3.17 37.61
N PRO C 185 4.23 -4.07 36.65
CA PRO C 185 2.86 -4.44 36.29
C PRO C 185 2.23 -5.35 37.34
N LYS C 186 0.95 -5.12 37.60
CA LYS C 186 0.15 -6.02 38.42
C LYS C 186 -0.55 -6.99 37.48
N ALA C 187 -0.20 -8.26 37.56
CA ALA C 187 -0.62 -9.24 36.57
C ALA C 187 -1.37 -10.40 37.22
N HIS C 188 -2.35 -10.92 36.49
CA HIS C 188 -3.12 -12.07 36.92
C HIS C 188 -3.80 -12.68 35.71
N VAL C 189 -4.31 -13.90 35.88
CA VAL C 189 -5.00 -14.62 34.81
C VAL C 189 -6.46 -14.80 35.22
N THR C 190 -7.38 -14.50 34.31
CA THR C 190 -8.81 -14.65 34.53
C THR C 190 -9.37 -15.75 33.64
N TYR C 191 -10.58 -16.20 34.01
CA TYR C 191 -11.26 -17.32 33.38
C TYR C 191 -12.58 -16.83 32.79
N HIS C 192 -12.85 -17.18 31.54
CA HIS C 192 -14.08 -16.78 30.89
C HIS C 192 -14.64 -17.92 30.05
N PRO C 193 -15.78 -18.50 30.43
CA PRO C 193 -16.36 -19.59 29.64
C PRO C 193 -16.60 -19.17 28.20
N ARG C 194 -16.22 -20.04 27.27
CA ARG C 194 -16.34 -19.75 25.85
C ARG C 194 -17.36 -20.66 25.15
N SER C 195 -17.24 -21.97 25.29
CA SER C 195 -18.16 -22.89 24.63
C SER C 195 -18.25 -24.17 25.45
N GLN C 196 -18.90 -25.18 24.88
CA GLN C 196 -18.97 -26.50 25.50
C GLN C 196 -17.63 -27.20 25.56
N VAL C 197 -16.69 -26.81 24.70
CA VAL C 197 -15.46 -27.57 24.50
C VAL C 197 -14.22 -26.82 24.96
N ASP C 198 -14.27 -25.51 25.13
CA ASP C 198 -13.07 -24.75 25.45
C ASP C 198 -13.44 -23.52 26.29
N VAL C 199 -12.42 -22.79 26.72
CA VAL C 199 -12.58 -21.66 27.61
C VAL C 199 -11.46 -20.65 27.30
N THR C 200 -11.71 -19.39 27.60
CA THR C 200 -10.76 -18.32 27.37
C THR C 200 -10.00 -18.01 28.66
N LEU C 201 -8.67 -18.02 28.58
CA LEU C 201 -7.80 -17.57 29.66
C LEU C 201 -7.19 -16.24 29.24
N ARG C 202 -7.48 -15.20 30.02
CA ARG C 202 -7.01 -13.85 29.72
C ARG C 202 -5.99 -13.42 30.78
N CYS C 203 -4.79 -13.10 30.33
CA CYS C 203 -3.70 -12.69 31.20
C CYS C 203 -3.59 -11.17 31.18
N TRP C 204 -3.81 -10.53 32.32
CA TRP C 204 -3.83 -9.08 32.43
C TRP C 204 -2.50 -8.54 32.92
N ALA C 205 -2.16 -7.33 32.47
CA ALA C 205 -1.03 -6.56 32.98
C ALA C 205 -1.49 -5.13 33.15
N LEU C 206 -1.39 -4.60 34.37
CA LEU C 206 -2.00 -3.33 34.70
C LEU C 206 -1.03 -2.43 35.46
N GLY C 207 -1.18 -1.12 35.26
CA GLY C 207 -0.52 -0.14 36.08
C GLY C 207 0.99 -0.05 35.96
N PHE C 208 1.54 -0.38 34.79
CA PHE C 208 2.98 -0.39 34.63
C PHE C 208 3.47 0.83 33.86
N TYR C 209 4.73 1.20 34.13
CA TYR C 209 5.42 2.28 33.43
C TYR C 209 6.92 1.97 33.44
N PRO C 210 7.59 2.12 32.29
CA PRO C 210 7.02 2.63 31.04
C PRO C 210 6.26 1.57 30.23
N ALA C 211 5.85 1.95 29.02
CA ALA C 211 4.90 1.14 28.25
C ALA C 211 5.50 -0.16 27.73
N ASP C 212 6.82 -0.26 27.65
CA ASP C 212 7.44 -1.44 27.07
C ASP C 212 7.22 -2.66 27.96
N ILE C 213 6.60 -3.69 27.41
CA ILE C 213 6.27 -4.90 28.17
C ILE C 213 6.12 -6.05 27.19
N THR C 214 6.28 -7.27 27.69
CA THR C 214 6.12 -8.49 26.90
C THR C 214 5.16 -9.43 27.62
N LEU C 215 4.08 -9.80 26.95
CA LEU C 215 3.13 -10.79 27.45
C LEU C 215 3.18 -12.02 26.55
N THR C 216 3.32 -13.20 27.15
CA THR C 216 3.51 -14.42 26.39
C THR C 216 2.80 -15.59 27.06
N TRP C 217 2.12 -16.39 26.25
CA TRP C 217 1.50 -17.63 26.71
C TRP C 217 2.33 -18.82 26.24
N GLN C 218 2.44 -19.83 27.09
CA GLN C 218 3.18 -21.04 26.77
C GLN C 218 2.36 -22.27 27.11
N LEU C 219 2.71 -23.38 26.47
CA LEU C 219 2.08 -24.68 26.70
C LEU C 219 3.20 -25.67 27.01
N ASN C 220 3.41 -25.94 28.31
CA ASN C 220 4.42 -26.89 28.77
C ASN C 220 5.81 -26.51 28.24
N GLY C 221 6.13 -25.23 28.29
CA GLY C 221 7.38 -24.72 27.78
C GLY C 221 7.34 -24.28 26.32
N GLU C 222 6.58 -24.98 25.48
CA GLU C 222 6.39 -24.56 24.09
C GLU C 222 5.50 -23.32 24.03
N ASP C 223 5.83 -22.39 23.12
CA ASP C 223 5.15 -21.10 22.97
C ASP C 223 4.00 -21.13 21.99
N LEU C 224 3.06 -20.20 22.20
CA LEU C 224 1.79 -20.15 21.48
C LEU C 224 1.49 -18.76 20.95
N THR C 225 2.48 -17.88 20.79
CA THR C 225 2.22 -16.51 20.34
C THR C 225 1.63 -16.49 18.93
N GLN C 226 1.50 -17.67 18.32
CA GLN C 226 0.80 -17.84 17.05
C GLN C 226 -0.71 -17.97 17.22
N ASP C 227 -1.17 -18.72 18.22
CA ASP C 227 -2.58 -19.01 18.43
C ASP C 227 -3.20 -18.11 19.51
N MET C 228 -2.72 -16.89 19.67
CA MET C 228 -3.23 -16.02 20.73
C MET C 228 -3.57 -14.56 20.39
N GLU C 229 -4.51 -13.99 21.12
CA GLU C 229 -4.91 -12.62 20.89
C GLU C 229 -4.16 -11.69 21.80
N LEU C 230 -3.50 -10.72 21.20
CA LEU C 230 -2.73 -9.76 21.93
C LEU C 230 -3.14 -8.36 21.49
N VAL C 231 -3.65 -7.58 22.42
CA VAL C 231 -4.11 -6.23 22.12
C VAL C 231 -2.96 -5.25 22.25
N GLU C 232 -3.13 -4.09 21.61
CA GLU C 232 -2.14 -3.03 21.73
C GLU C 232 -2.04 -2.56 23.18
N THR C 233 -0.83 -2.22 23.59
CA THR C 233 -0.64 -1.56 24.88
C THR C 233 -1.39 -0.24 24.89
N ARG C 234 -2.14 0.01 25.95
CA ARG C 234 -3.06 1.13 25.98
C ARG C 234 -2.83 1.98 27.22
N PRO C 235 -3.05 3.29 27.12
CA PRO C 235 -2.89 4.17 28.28
C PRO C 235 -4.09 4.05 29.21
N ALA C 236 -3.82 3.91 30.51
CA ALA C 236 -4.90 3.93 31.48
C ALA C 236 -5.51 5.32 31.61
N GLY C 237 -4.72 6.36 31.34
CA GLY C 237 -5.14 7.74 31.51
C GLY C 237 -4.59 8.42 32.73
N ASP C 238 -3.97 7.67 33.65
CA ASP C 238 -3.41 8.21 34.88
C ASP C 238 -1.88 8.14 34.90
N GLY C 239 -1.26 7.91 33.75
CA GLY C 239 0.18 7.81 33.65
C GLY C 239 0.73 6.41 33.59
N THR C 240 -0.11 5.39 33.71
CA THR C 240 0.30 4.00 33.58
C THR C 240 -0.33 3.39 32.32
N PHE C 241 0.03 2.14 32.04
CA PHE C 241 -0.41 1.47 30.83
C PHE C 241 -0.98 0.09 31.17
N GLN C 242 -1.71 -0.46 30.21
CA GLN C 242 -2.37 -1.74 30.37
C GLN C 242 -2.16 -2.58 29.12
N LYS C 243 -2.29 -3.90 29.27
CA LYS C 243 -2.18 -4.82 28.16
C LYS C 243 -2.70 -6.17 28.63
N TRP C 244 -3.27 -6.94 27.69
CA TRP C 244 -3.68 -8.30 28.01
C TRP C 244 -3.49 -9.20 26.81
N ALA C 245 -3.32 -10.49 27.10
CA ALA C 245 -3.17 -11.53 26.08
C ALA C 245 -4.06 -12.70 26.45
N ALA C 246 -4.83 -13.20 25.49
CA ALA C 246 -5.77 -14.27 25.74
C ALA C 246 -5.47 -15.47 24.84
N VAL C 247 -5.92 -16.65 25.28
CA VAL C 247 -5.76 -17.88 24.53
C VAL C 247 -6.93 -18.79 24.83
N VAL C 248 -7.33 -19.58 23.84
CA VAL C 248 -8.45 -20.51 23.97
C VAL C 248 -7.88 -21.89 24.28
N VAL C 249 -8.30 -22.46 25.40
CA VAL C 249 -7.76 -23.74 25.86
C VAL C 249 -8.90 -24.72 26.10
N PRO C 250 -8.66 -26.03 25.96
CA PRO C 250 -9.72 -27.00 26.25
C PRO C 250 -10.04 -27.07 27.73
N LEU C 251 -11.29 -27.38 28.05
CA LEU C 251 -11.71 -27.47 29.44
C LEU C 251 -10.95 -28.58 30.15
N GLY C 252 -10.51 -28.27 31.37
CA GLY C 252 -9.77 -29.21 32.19
C GLY C 252 -8.26 -29.08 32.09
N LYS C 253 -7.75 -28.55 30.98
CA LYS C 253 -6.32 -28.43 30.75
C LYS C 253 -5.82 -26.99 30.93
N GLU C 254 -6.45 -26.21 31.81
CA GLU C 254 -6.09 -24.80 31.95
C GLU C 254 -4.71 -24.64 32.59
N GLN C 255 -4.38 -25.48 33.55
CA GLN C 255 -3.13 -25.34 34.29
C GLN C 255 -1.91 -25.75 33.47
N ASN C 256 -2.10 -26.31 32.28
CA ASN C 256 -0.99 -26.57 31.39
C ASN C 256 -0.52 -25.31 30.65
N TYR C 257 -1.23 -24.20 30.81
CA TYR C 257 -0.90 -22.95 30.13
C TYR C 257 -0.37 -21.96 31.15
N THR C 258 0.74 -21.30 30.80
CA THR C 258 1.38 -20.33 31.67
C THR C 258 1.54 -19.01 30.95
N CYS C 259 1.35 -17.90 31.67
CA CYS C 259 1.53 -16.56 31.14
C CYS C 259 2.82 -15.98 31.69
N HIS C 260 3.63 -15.39 30.82
CA HIS C 260 4.93 -14.85 31.18
C HIS C 260 4.94 -13.35 30.92
N VAL C 261 5.37 -12.58 31.91
CA VAL C 261 5.38 -11.12 31.85
C VAL C 261 6.81 -10.65 32.05
N HIS C 262 7.34 -9.95 31.05
CA HIS C 262 8.66 -9.34 31.12
C HIS C 262 8.51 -7.82 31.15
N HIS C 263 9.19 -7.19 32.09
CA HIS C 263 9.08 -5.74 32.25
C HIS C 263 10.32 -5.22 32.96
N LYS C 264 10.66 -3.96 32.68
CA LYS C 264 11.83 -3.35 33.28
C LYS C 264 11.76 -3.32 34.81
N GLY C 265 10.56 -3.20 35.36
CA GLY C 265 10.36 -3.16 36.78
C GLY C 265 10.18 -4.51 37.46
N LEU C 266 10.33 -5.60 36.71
CA LEU C 266 10.19 -6.93 37.28
C LEU C 266 11.56 -7.52 37.53
N PRO C 267 11.92 -7.84 38.79
CA PRO C 267 13.23 -8.45 39.07
C PRO C 267 13.47 -9.71 38.26
N GLU C 268 12.54 -10.66 38.35
CA GLU C 268 12.54 -11.81 37.47
C GLU C 268 11.19 -11.91 36.77
N PRO C 269 11.17 -12.31 35.50
CA PRO C 269 9.90 -12.35 34.75
C PRO C 269 8.88 -13.26 35.43
N LEU C 270 7.67 -12.74 35.59
CA LEU C 270 6.61 -13.49 36.25
C LEU C 270 6.09 -14.59 35.35
N THR C 271 5.83 -15.75 35.95
CA THR C 271 5.12 -16.85 35.29
C THR C 271 3.84 -17.09 36.06
N LEU C 272 2.70 -17.00 35.38
CA LEU C 272 1.40 -17.09 36.03
C LEU C 272 0.56 -18.19 35.42
N ARG C 273 -0.22 -18.84 36.28
CA ARG C 273 -1.27 -19.76 35.87
C ARG C 273 -2.61 -19.22 36.38
N TRP C 274 -3.70 -19.80 35.87
CA TRP C 274 -5.02 -19.39 36.31
C TRP C 274 -5.22 -19.68 37.80
N GLY D 1 -18.11 -9.19 -35.04
CA GLY D 1 -17.39 -10.02 -34.11
C GLY D 1 -16.16 -10.68 -34.71
N PRO D 2 -15.43 -11.47 -33.92
CA PRO D 2 -15.72 -11.75 -32.51
C PRO D 2 -15.19 -10.67 -31.56
N HIS D 3 -15.59 -10.74 -30.29
CA HIS D 3 -15.15 -9.76 -29.31
C HIS D 3 -15.05 -10.43 -27.95
N SER D 4 -14.44 -9.71 -27.00
CA SER D 4 -14.18 -10.26 -25.68
C SER D 4 -14.28 -9.15 -24.64
N LEU D 5 -14.77 -9.53 -23.46
CA LEU D 5 -14.77 -8.67 -22.28
C LEU D 5 -13.96 -9.37 -21.20
N ARG D 6 -13.04 -8.64 -20.58
CA ARG D 6 -12.16 -9.22 -19.57
C ARG D 6 -11.96 -8.26 -18.42
N TYR D 7 -11.95 -8.81 -17.22
CA TYR D 7 -11.55 -8.08 -16.02
C TYR D 7 -10.31 -8.74 -15.45
N PHE D 8 -9.33 -7.93 -15.08
CA PHE D 8 -8.09 -8.40 -14.47
C PHE D 8 -7.99 -7.78 -13.08
N VAL D 9 -8.14 -8.61 -12.05
CA VAL D 9 -8.28 -8.15 -10.67
C VAL D 9 -7.11 -8.68 -9.86
N THR D 10 -6.44 -7.79 -9.13
CA THR D 10 -5.25 -8.13 -8.38
C THR D 10 -5.37 -7.62 -6.94
N ALA D 11 -4.98 -8.46 -5.99
CA ALA D 11 -4.84 -8.05 -4.60
C ALA D 11 -3.48 -8.51 -4.08
N VAL D 12 -2.82 -7.63 -3.34
CA VAL D 12 -1.46 -7.88 -2.85
C VAL D 12 -1.44 -7.56 -1.36
N SER D 13 -1.22 -8.58 -0.53
CA SER D 13 -1.14 -8.37 0.91
C SER D 13 0.11 -7.59 1.27
N ARG D 14 -0.01 -6.69 2.25
CA ARG D 14 1.09 -5.84 2.69
C ARG D 14 1.12 -5.84 4.22
N PRO D 15 1.58 -6.91 4.84
CA PRO D 15 1.64 -6.94 6.30
C PRO D 15 2.69 -5.99 6.84
N GLY D 16 2.33 -5.29 7.92
CA GLY D 16 3.16 -4.25 8.46
C GLY D 16 3.02 -2.90 7.77
N LEU D 17 2.32 -2.85 6.64
CA LEU D 17 2.08 -1.60 5.93
C LEU D 17 0.62 -1.20 5.88
N GLY D 18 -0.31 -2.13 5.96
CA GLY D 18 -1.72 -1.79 6.00
C GLY D 18 -2.55 -2.87 5.34
N GLU D 19 -3.70 -2.44 4.82
CA GLU D 19 -4.61 -3.35 4.15
C GLU D 19 -4.07 -3.73 2.77
N PRO D 20 -4.46 -4.90 2.26
CA PRO D 20 -4.04 -5.30 0.91
C PRO D 20 -4.33 -4.24 -0.13
N ARG D 21 -3.42 -4.13 -1.10
CA ARG D 21 -3.71 -3.38 -2.31
C ARG D 21 -4.73 -4.14 -3.14
N PHE D 22 -5.64 -3.40 -3.78
CA PHE D 22 -6.68 -4.02 -4.60
C PHE D 22 -6.90 -3.15 -5.82
N ILE D 23 -6.81 -3.76 -7.01
CA ILE D 23 -7.02 -3.05 -8.26
C ILE D 23 -7.70 -3.98 -9.24
N ALA D 24 -8.68 -3.45 -9.96
CA ALA D 24 -9.40 -4.18 -11.00
C ALA D 24 -9.49 -3.31 -12.24
N VAL D 25 -9.21 -3.89 -13.40
CA VAL D 25 -9.30 -3.20 -14.67
C VAL D 25 -10.15 -4.01 -15.62
N GLY D 26 -10.90 -3.32 -16.46
CA GLY D 26 -11.78 -3.96 -17.43
C GLY D 26 -11.34 -3.64 -18.85
N TYR D 27 -11.39 -4.66 -19.70
CA TYR D 27 -10.96 -4.53 -21.10
C TYR D 27 -12.05 -5.05 -22.03
N VAL D 28 -12.32 -4.29 -23.08
CA VAL D 28 -13.09 -4.76 -24.23
C VAL D 28 -12.08 -4.96 -25.35
N ASP D 29 -11.86 -6.21 -25.75
CA ASP D 29 -10.79 -6.60 -26.66
C ASP D 29 -9.49 -6.13 -26.04
N ASP D 30 -8.69 -5.30 -26.73
CA ASP D 30 -7.46 -4.76 -26.18
C ASP D 30 -7.60 -3.30 -25.76
N THR D 31 -8.82 -2.88 -25.42
CA THR D 31 -9.11 -1.51 -25.04
C THR D 31 -9.62 -1.49 -23.60
N GLN D 32 -8.87 -0.85 -22.71
CA GLN D 32 -9.33 -0.67 -21.34
C GLN D 32 -10.45 0.37 -21.30
N PHE D 33 -11.41 0.15 -20.40
CA PHE D 33 -12.53 1.09 -20.29
C PHE D 33 -12.96 1.40 -18.87
N VAL D 34 -12.56 0.63 -17.86
CA VAL D 34 -12.93 0.89 -16.47
C VAL D 34 -11.76 0.51 -15.56
N ARG D 35 -11.81 1.01 -14.32
CA ARG D 35 -10.81 0.65 -13.32
C ARG D 35 -11.38 0.91 -11.93
N PHE D 36 -10.85 0.16 -10.95
CA PHE D 36 -11.06 0.45 -9.54
C PHE D 36 -9.71 0.31 -8.84
N ASP D 37 -9.30 1.36 -8.14
CA ASP D 37 -7.99 1.40 -7.50
C ASP D 37 -8.15 1.73 -6.03
N SER D 38 -7.78 0.79 -5.16
CA SER D 38 -7.91 1.00 -3.72
C SER D 38 -6.92 2.04 -3.20
N ASP D 39 -5.89 2.38 -3.98
CA ASP D 39 -4.89 3.36 -3.57
C ASP D 39 -5.13 4.73 -4.18
N ALA D 40 -6.22 4.92 -4.92
CA ALA D 40 -6.53 6.22 -5.46
C ALA D 40 -7.01 7.16 -4.35
N ASP D 41 -7.07 8.45 -4.69
CA ASP D 41 -7.55 9.44 -3.72
C ASP D 41 -8.97 9.14 -3.28
N ASN D 42 -9.85 8.82 -4.23
CA ASN D 42 -11.24 8.45 -3.95
C ASN D 42 -11.50 7.12 -4.64
N PRO D 43 -11.26 6.00 -3.96
CA PRO D 43 -11.43 4.69 -4.60
C PRO D 43 -12.87 4.49 -5.07
N ARG D 44 -13.03 4.32 -6.37
CA ARG D 44 -14.34 4.24 -7.00
C ARG D 44 -14.17 3.69 -8.41
N PHE D 45 -15.18 2.97 -8.89
CA PHE D 45 -15.18 2.44 -10.24
C PHE D 45 -15.30 3.63 -11.14
N GLU D 46 -14.40 3.78 -12.09
CA GLU D 46 -14.41 4.93 -12.96
C GLU D 46 -14.07 4.61 -14.40
N PRO D 47 -14.53 5.44 -15.31
CA PRO D 47 -14.26 5.15 -16.73
C PRO D 47 -12.82 5.44 -17.10
N ARG D 48 -12.31 4.66 -18.05
CA ARG D 48 -10.98 4.86 -18.59
C ARG D 48 -10.99 4.93 -20.11
N ALA D 49 -12.17 5.00 -20.72
CA ALA D 49 -12.35 5.20 -22.15
C ALA D 49 -13.39 6.30 -22.35
N PRO D 50 -13.23 7.14 -23.38
CA PRO D 50 -14.16 8.27 -23.55
C PRO D 50 -15.61 7.85 -23.74
N TRP D 51 -15.87 6.72 -24.37
CA TRP D 51 -17.23 6.28 -24.63
C TRP D 51 -17.91 5.68 -23.41
N MET D 52 -17.28 5.72 -22.24
CA MET D 52 -17.90 5.29 -20.99
C MET D 52 -18.34 6.44 -20.11
N GLU D 53 -18.03 7.68 -20.49
CA GLU D 53 -18.36 8.84 -19.69
C GLU D 53 -19.83 9.26 -19.81
N GLN D 54 -20.63 8.50 -20.56
CA GLN D 54 -22.04 8.80 -20.75
C GLN D 54 -22.95 7.86 -19.96
N GLU D 55 -22.40 7.04 -19.06
CA GLU D 55 -23.21 6.18 -18.19
C GLU D 55 -23.73 6.95 -16.98
N GLY D 56 -24.93 6.60 -16.54
CA GLY D 56 -25.56 7.21 -15.40
C GLY D 56 -24.84 6.90 -14.10
N PRO D 57 -25.16 7.66 -13.06
CA PRO D 57 -24.51 7.43 -11.76
C PRO D 57 -24.83 6.09 -11.13
N GLU D 58 -25.94 5.45 -11.49
CA GLU D 58 -26.28 4.15 -10.92
C GLU D 58 -25.44 3.03 -11.49
N TYR D 59 -24.86 3.21 -12.67
CA TYR D 59 -23.89 2.24 -13.18
C TYR D 59 -22.64 2.22 -12.31
N TRP D 60 -22.09 3.40 -12.03
CA TRP D 60 -20.86 3.48 -11.25
C TRP D 60 -21.11 3.11 -9.80
N GLU D 61 -22.29 3.45 -9.26
CA GLU D 61 -22.60 3.10 -7.87
C GLU D 61 -22.66 1.59 -7.69
N GLU D 62 -23.36 0.91 -8.59
CA GLU D 62 -23.50 -0.54 -8.48
C GLU D 62 -22.18 -1.25 -8.73
N GLN D 63 -21.41 -0.77 -9.71
CA GLN D 63 -20.11 -1.37 -9.98
C GLN D 63 -19.14 -1.14 -8.82
N THR D 64 -19.22 0.03 -8.18
CA THR D 64 -18.34 0.31 -7.05
C THR D 64 -18.61 -0.63 -5.88
N GLN D 65 -19.89 -0.84 -5.55
CA GLN D 65 -20.23 -1.72 -4.44
C GLN D 65 -19.84 -3.17 -4.74
N ARG D 66 -19.99 -3.59 -6.01
CA ARG D 66 -19.51 -4.92 -6.38
C ARG D 66 -18.01 -5.03 -6.21
N ALA D 67 -17.28 -3.97 -6.57
CA ALA D 67 -15.84 -3.97 -6.41
C ALA D 67 -15.45 -3.96 -4.93
N LYS D 68 -16.17 -3.20 -4.11
CA LYS D 68 -15.88 -3.18 -2.68
C LYS D 68 -16.18 -4.53 -2.05
N SER D 69 -17.23 -5.22 -2.52
CA SER D 69 -17.49 -6.57 -2.04
C SER D 69 -16.35 -7.52 -2.42
N ASP D 70 -15.86 -7.42 -3.65
CA ASP D 70 -14.79 -8.31 -4.09
C ASP D 70 -13.50 -8.03 -3.33
N GLU D 71 -13.24 -6.77 -2.98
CA GLU D 71 -12.06 -6.45 -2.19
C GLU D 71 -12.07 -7.20 -0.86
N GLN D 72 -13.24 -7.29 -0.21
CA GLN D 72 -13.34 -8.08 1.01
C GLN D 72 -13.14 -9.57 0.72
N TRP D 73 -13.64 -10.04 -0.44
CA TRP D 73 -13.41 -11.41 -0.85
C TRP D 73 -11.90 -11.71 -0.95
N PHE D 74 -11.14 -10.78 -1.52
CA PHE D 74 -9.70 -11.00 -1.67
C PHE D 74 -8.99 -10.99 -0.32
N ARG D 75 -9.41 -10.11 0.59
CA ARG D 75 -8.81 -10.09 1.93
C ARG D 75 -9.00 -11.43 2.63
N VAL D 76 -10.21 -12.01 2.53
CA VAL D 76 -10.46 -13.30 3.15
C VAL D 76 -9.69 -14.40 2.43
N SER D 77 -9.72 -14.41 1.10
CA SER D 77 -9.07 -15.47 0.34
C SER D 77 -7.56 -15.45 0.54
N LEU D 78 -6.96 -14.26 0.66
CA LEU D 78 -5.53 -14.17 0.94
C LEU D 78 -5.19 -14.77 2.29
N ARG D 79 -6.01 -14.51 3.30
CA ARG D 79 -5.78 -15.11 4.61
C ARG D 79 -6.03 -16.62 4.59
N THR D 80 -7.06 -17.05 3.86
CA THR D 80 -7.33 -18.49 3.77
C THR D 80 -6.20 -19.21 3.04
N ALA D 81 -5.71 -18.63 1.95
CA ALA D 81 -4.61 -19.23 1.22
C ALA D 81 -3.37 -19.35 2.09
N GLN D 82 -3.06 -18.29 2.84
CA GLN D 82 -1.93 -18.33 3.76
C GLN D 82 -2.05 -19.49 4.75
N ARG D 83 -3.24 -19.79 5.17
CA ARG D 83 -3.51 -20.86 6.08
C ARG D 83 -3.43 -22.22 5.36
N TYR D 84 -4.02 -22.32 4.19
CA TYR D 84 -3.99 -23.55 3.41
C TYR D 84 -2.56 -24.06 3.23
N TYR D 85 -1.66 -23.16 2.86
CA TYR D 85 -0.27 -23.51 2.58
C TYR D 85 0.63 -23.35 3.80
N ASN D 86 0.06 -23.00 4.97
CA ASN D 86 0.81 -22.88 6.23
C ASN D 86 2.02 -21.96 6.06
N GLN D 87 1.76 -20.77 5.51
CA GLN D 87 2.80 -19.78 5.26
C GLN D 87 2.87 -18.77 6.39
N SER D 88 4.00 -18.09 6.48
CA SER D 88 4.19 -17.07 7.49
C SER D 88 3.23 -15.89 7.24
N LYS D 89 2.77 -15.28 8.34
CA LYS D 89 1.86 -14.16 8.24
C LYS D 89 2.56 -12.85 7.89
N GLY D 90 3.89 -12.84 7.83
CA GLY D 90 4.65 -11.65 7.55
C GLY D 90 5.06 -11.44 6.11
N GLY D 91 4.74 -12.36 5.21
CA GLY D 91 5.11 -12.25 3.82
C GLY D 91 4.02 -11.65 2.97
N SER D 92 4.43 -11.00 1.88
CA SER D 92 3.49 -10.43 0.92
C SER D 92 3.08 -11.51 -0.09
N HIS D 93 1.79 -11.56 -0.41
CA HIS D 93 1.26 -12.56 -1.33
C HIS D 93 0.27 -11.89 -2.28
N THR D 94 0.02 -12.59 -3.39
CA THR D 94 -0.81 -12.08 -4.48
C THR D 94 -1.94 -13.04 -4.76
N PHE D 95 -3.12 -12.50 -5.02
CA PHE D 95 -4.26 -13.28 -5.50
C PHE D 95 -4.88 -12.55 -6.69
N GLN D 96 -5.22 -13.31 -7.73
CA GLN D 96 -5.68 -12.72 -8.98
C GLN D 96 -6.95 -13.41 -9.46
N ARG D 97 -7.88 -12.61 -9.99
CA ARG D 97 -9.06 -13.09 -10.68
C ARG D 97 -8.99 -12.64 -12.14
N MET D 98 -9.45 -13.51 -13.03
CA MET D 98 -9.53 -13.18 -14.45
C MET D 98 -10.82 -13.80 -14.98
N PHE D 99 -11.79 -12.95 -15.33
CA PHE D 99 -13.09 -13.44 -15.76
C PHE D 99 -13.63 -12.58 -16.90
N GLY D 100 -14.56 -13.15 -17.64
CA GLY D 100 -15.16 -12.47 -18.76
C GLY D 100 -15.77 -13.47 -19.73
N CYS D 101 -16.08 -12.98 -20.92
CA CYS D 101 -16.77 -13.80 -21.92
C CYS D 101 -16.31 -13.41 -23.31
N ASP D 102 -16.44 -14.36 -24.23
CA ASP D 102 -16.16 -14.15 -25.66
C ASP D 102 -17.46 -14.25 -26.44
N VAL D 103 -17.74 -13.23 -27.24
CA VAL D 103 -18.84 -13.28 -28.21
C VAL D 103 -18.22 -13.26 -29.62
N GLY D 104 -19.05 -13.60 -30.61
CA GLY D 104 -18.55 -13.93 -31.93
C GLY D 104 -19.22 -13.10 -33.01
N SER D 105 -19.31 -13.71 -34.20
CA SER D 105 -19.90 -13.03 -35.35
C SER D 105 -21.34 -12.60 -35.07
N ASP D 106 -22.10 -13.45 -34.39
CA ASP D 106 -23.51 -13.17 -34.09
C ASP D 106 -23.73 -12.64 -32.68
N TRP D 107 -22.64 -12.46 -31.92
CA TRP D 107 -22.65 -11.73 -30.65
C TRP D 107 -23.34 -12.51 -29.53
N ARG D 108 -23.09 -13.83 -29.47
CA ARG D 108 -23.52 -14.63 -28.32
C ARG D 108 -22.33 -15.45 -27.83
N LEU D 109 -22.50 -16.03 -26.65
CA LEU D 109 -21.42 -16.58 -25.85
C LEU D 109 -20.69 -17.69 -26.60
N LEU D 110 -19.38 -17.50 -26.81
CA LEU D 110 -18.50 -18.57 -27.23
C LEU D 110 -17.93 -19.32 -26.03
N ARG D 111 -17.43 -18.57 -25.05
CA ARG D 111 -16.70 -19.15 -23.93
C ARG D 111 -16.73 -18.18 -22.78
N GLY D 112 -16.94 -18.70 -21.58
CA GLY D 112 -16.89 -17.93 -20.36
C GLY D 112 -15.63 -18.29 -19.57
N TYR D 113 -15.16 -17.34 -18.76
CA TYR D 113 -13.94 -17.52 -18.00
C TYR D 113 -14.18 -17.13 -16.55
N GLN D 114 -13.72 -17.99 -15.63
CA GLN D 114 -13.65 -17.67 -14.19
C GLN D 114 -12.36 -18.32 -13.69
N GLN D 115 -11.27 -17.56 -13.74
CA GLN D 115 -9.94 -18.06 -13.41
C GLN D 115 -9.42 -17.38 -12.15
N PHE D 116 -8.72 -18.16 -11.32
CA PHE D 116 -8.20 -17.70 -10.04
C PHE D 116 -6.75 -18.15 -9.91
N ALA D 117 -5.92 -17.29 -9.33
CA ALA D 117 -4.50 -17.56 -9.21
C ALA D 117 -3.99 -17.08 -7.85
N TYR D 118 -3.03 -17.81 -7.30
CA TYR D 118 -2.39 -17.46 -6.05
C TYR D 118 -0.89 -17.30 -6.28
N ASP D 119 -0.38 -16.11 -6.00
CA ASP D 119 1.05 -15.79 -6.17
C ASP D 119 1.52 -16.09 -7.59
N GLY D 120 0.66 -15.80 -8.57
CA GLY D 120 1.05 -15.88 -9.96
C GLY D 120 0.92 -17.24 -10.62
N ARG D 121 0.32 -18.21 -9.93
CA ARG D 121 0.15 -19.56 -10.47
C ARG D 121 -1.32 -19.94 -10.46
N ASP D 122 -1.71 -20.76 -11.44
CA ASP D 122 -3.05 -21.33 -11.46
C ASP D 122 -3.44 -21.86 -10.10
N TYR D 123 -4.63 -21.48 -9.64
CA TYR D 123 -5.20 -22.06 -8.44
C TYR D 123 -6.46 -22.86 -8.75
N ILE D 124 -7.50 -22.23 -9.27
CA ILE D 124 -8.70 -22.92 -9.69
C ILE D 124 -9.31 -22.16 -10.85
N ALA D 125 -9.99 -22.90 -11.74
CA ALA D 125 -10.56 -22.30 -12.94
C ALA D 125 -11.80 -23.07 -13.35
N LEU D 126 -12.82 -22.33 -13.80
CA LEU D 126 -14.04 -22.92 -14.29
C LEU D 126 -13.83 -23.49 -15.69
N ASN D 127 -14.19 -24.75 -15.87
CA ASN D 127 -14.02 -25.39 -17.17
C ASN D 127 -14.99 -24.80 -18.18
N GLU D 128 -14.70 -25.07 -19.45
CA GLU D 128 -15.49 -24.51 -20.54
C GLU D 128 -16.96 -24.91 -20.46
N ASP D 129 -17.26 -26.11 -19.96
CA ASP D 129 -18.65 -26.52 -19.79
C ASP D 129 -19.42 -25.62 -18.83
N LEU D 130 -18.73 -24.71 -18.13
CA LEU D 130 -19.34 -23.79 -17.17
C LEU D 130 -20.06 -24.54 -16.06
N LYS D 131 -19.57 -25.74 -15.73
CA LYS D 131 -20.24 -26.59 -14.75
C LYS D 131 -19.25 -27.23 -13.79
N THR D 132 -18.03 -27.50 -14.24
CA THR D 132 -17.04 -28.19 -13.41
C THR D 132 -15.78 -27.33 -13.28
N TRP D 133 -14.97 -27.67 -12.28
CA TRP D 133 -13.78 -26.92 -11.93
C TRP D 133 -12.53 -27.75 -12.13
N THR D 134 -11.43 -27.07 -12.47
CA THR D 134 -10.11 -27.66 -12.55
C THR D 134 -9.24 -27.03 -11.46
N ALA D 135 -8.82 -27.85 -10.50
CA ALA D 135 -7.98 -27.39 -9.40
C ALA D 135 -6.52 -27.71 -9.69
N ALA D 136 -5.63 -26.78 -9.35
CA ALA D 136 -4.22 -26.90 -9.69
C ALA D 136 -3.42 -27.71 -8.68
N ASP D 137 -3.77 -27.66 -7.39
CA ASP D 137 -3.10 -28.48 -6.40
C ASP D 137 -4.14 -29.01 -5.41
N THR D 138 -3.66 -29.73 -4.40
CA THR D 138 -4.57 -30.37 -3.46
C THR D 138 -5.23 -29.36 -2.52
N ALA D 139 -4.57 -28.22 -2.27
CA ALA D 139 -5.23 -27.16 -1.52
C ALA D 139 -6.43 -26.62 -2.27
N ALA D 140 -6.29 -26.44 -3.59
CA ALA D 140 -7.41 -25.99 -4.41
C ALA D 140 -8.51 -27.06 -4.54
N LEU D 141 -8.18 -28.33 -4.28
CA LEU D 141 -9.21 -29.36 -4.24
C LEU D 141 -10.21 -29.12 -3.12
N ILE D 142 -9.73 -28.56 -1.99
CA ILE D 142 -10.63 -28.16 -0.91
C ILE D 142 -11.59 -27.08 -1.41
N THR D 143 -11.08 -26.12 -2.14
CA THR D 143 -11.89 -25.06 -2.66
C THR D 143 -12.88 -25.60 -3.64
N ARG D 144 -12.42 -26.42 -4.55
CA ARG D 144 -13.32 -26.98 -5.52
C ARG D 144 -14.48 -27.79 -4.91
N ARG D 145 -14.21 -28.57 -3.89
CA ARG D 145 -15.23 -29.33 -3.21
C ARG D 145 -16.25 -28.41 -2.62
N LYS D 146 -15.81 -27.36 -1.96
CA LYS D 146 -16.68 -26.39 -1.35
C LYS D 146 -17.52 -25.68 -2.37
N TRP D 147 -16.95 -25.27 -3.48
CA TRP D 147 -17.73 -24.56 -4.49
C TRP D 147 -18.66 -25.50 -5.25
N GLU D 148 -18.25 -26.76 -5.41
CA GLU D 148 -19.14 -27.76 -6.02
C GLU D 148 -20.36 -28.01 -5.16
N GLN D 149 -20.16 -28.14 -3.84
CA GLN D 149 -21.28 -28.38 -2.94
C GLN D 149 -22.25 -27.21 -2.93
N ALA D 150 -21.73 -25.98 -3.01
CA ALA D 150 -22.60 -24.81 -3.01
C ALA D 150 -23.21 -24.51 -4.36
N GLY D 151 -22.70 -25.10 -5.44
CA GLY D 151 -23.22 -24.83 -6.76
C GLY D 151 -22.89 -23.46 -7.30
N ASP D 152 -21.70 -22.93 -6.97
CA ASP D 152 -21.31 -21.62 -7.45
C ASP D 152 -21.08 -21.58 -8.95
N ALA D 153 -20.83 -22.74 -9.58
CA ALA D 153 -20.69 -22.78 -11.02
C ALA D 153 -21.96 -22.28 -11.73
N GLU D 154 -23.13 -22.53 -11.13
CA GLU D 154 -24.36 -22.00 -11.70
C GLU D 154 -24.48 -20.49 -11.50
N TYR D 155 -23.95 -19.97 -10.39
CA TYR D 155 -23.93 -18.52 -10.20
C TYR D 155 -23.05 -17.86 -11.25
N TYR D 156 -21.85 -18.40 -11.48
CA TYR D 156 -20.96 -17.84 -12.49
C TYR D 156 -21.53 -18.00 -13.89
N ARG D 157 -22.11 -19.17 -14.18
CA ARG D 157 -22.67 -19.41 -15.51
C ARG D 157 -23.82 -18.46 -15.81
N ALA D 158 -24.62 -18.13 -14.79
CA ALA D 158 -25.70 -17.17 -14.98
C ALA D 158 -25.17 -15.79 -15.31
N TYR D 159 -24.06 -15.39 -14.68
CA TYR D 159 -23.42 -14.13 -15.03
C TYR D 159 -22.86 -14.16 -16.44
N LEU D 160 -22.15 -15.24 -16.78
CA LEU D 160 -21.48 -15.32 -18.07
C LEU D 160 -22.48 -15.29 -19.23
N GLU D 161 -23.60 -15.99 -19.07
CA GLU D 161 -24.62 -16.00 -20.12
C GLU D 161 -25.55 -14.79 -20.06
N GLY D 162 -25.63 -14.11 -18.92
CA GLY D 162 -26.49 -12.95 -18.81
C GLY D 162 -25.77 -11.62 -18.83
N GLU D 163 -25.27 -11.18 -17.67
CA GLU D 163 -24.72 -9.83 -17.55
C GLU D 163 -23.48 -9.64 -18.42
N CYS D 164 -22.53 -10.58 -18.34
CA CYS D 164 -21.28 -10.44 -19.09
C CYS D 164 -21.54 -10.22 -20.57
N VAL D 165 -22.42 -11.03 -21.15
CA VAL D 165 -22.61 -11.03 -22.59
C VAL D 165 -23.49 -9.87 -23.04
N GLU D 166 -24.52 -9.54 -22.27
CA GLU D 166 -25.39 -8.43 -22.66
C GLU D 166 -24.71 -7.08 -22.51
N TRP D 167 -23.87 -6.92 -21.48
CA TRP D 167 -23.16 -5.66 -21.32
C TRP D 167 -22.02 -5.50 -22.30
N LEU D 168 -21.44 -6.61 -22.77
CA LEU D 168 -20.43 -6.52 -23.82
C LEU D 168 -21.00 -5.95 -25.10
N ARG D 169 -22.24 -6.35 -25.45
CA ARG D 169 -22.91 -5.75 -26.60
C ARG D 169 -23.16 -4.26 -26.39
N ARG D 170 -23.52 -3.87 -25.16
CA ARG D 170 -23.74 -2.45 -24.87
C ARG D 170 -22.45 -1.66 -25.01
N TYR D 171 -21.34 -2.20 -24.52
CA TYR D 171 -20.05 -1.52 -24.68
C TYR D 171 -19.68 -1.40 -26.15
N LEU D 172 -19.93 -2.46 -26.93
CA LEU D 172 -19.58 -2.44 -28.35
C LEU D 172 -20.42 -1.44 -29.14
N GLU D 173 -21.59 -1.05 -28.63
CA GLU D 173 -22.38 -0.01 -29.27
C GLU D 173 -21.98 1.38 -28.81
N LEU D 174 -21.63 1.54 -27.53
CA LEU D 174 -21.19 2.84 -27.03
C LEU D 174 -19.90 3.29 -27.70
N GLY D 175 -18.99 2.35 -27.96
CA GLY D 175 -17.73 2.68 -28.59
C GLY D 175 -17.60 2.12 -30.00
N ASN D 176 -18.71 2.05 -30.73
CA ASN D 176 -18.67 1.52 -32.09
C ASN D 176 -17.81 2.37 -33.02
N GLU D 177 -17.56 3.63 -32.66
CA GLU D 177 -16.70 4.49 -33.47
C GLU D 177 -15.24 4.07 -33.40
N THR D 178 -14.82 3.37 -32.35
CA THR D 178 -13.41 3.05 -32.17
C THR D 178 -13.18 1.56 -31.92
N LEU D 179 -14.11 0.88 -31.25
CA LEU D 179 -13.87 -0.49 -30.82
C LEU D 179 -13.89 -1.47 -31.97
N LEU D 180 -14.69 -1.22 -33.01
CA LEU D 180 -14.85 -2.16 -34.11
C LEU D 180 -13.84 -1.97 -35.22
N ARG D 181 -12.92 -1.01 -35.08
CA ARG D 181 -11.94 -0.76 -36.12
C ARG D 181 -10.95 -1.91 -36.22
N THR D 182 -10.22 -1.95 -37.34
CA THR D 182 -9.16 -2.93 -37.55
C THR D 182 -8.03 -2.21 -38.29
N ASP D 183 -6.98 -1.85 -37.56
CA ASP D 183 -5.85 -1.12 -38.12
C ASP D 183 -4.79 -2.12 -38.58
N SER D 184 -4.54 -2.16 -39.88
CA SER D 184 -3.52 -3.04 -40.42
C SER D 184 -2.13 -2.55 -39.99
N PRO D 185 -1.19 -3.46 -39.76
CA PRO D 185 0.16 -3.03 -39.40
C PRO D 185 0.91 -2.48 -40.60
N LYS D 186 1.64 -1.39 -40.37
CA LYS D 186 2.56 -0.85 -41.36
C LYS D 186 3.93 -1.47 -41.08
N ALA D 187 4.41 -2.30 -42.00
CA ALA D 187 5.59 -3.12 -41.75
C ALA D 187 6.69 -2.80 -42.75
N HIS D 188 7.93 -2.94 -42.28
CA HIS D 188 9.12 -2.73 -43.11
C HIS D 188 10.31 -3.36 -42.41
N VAL D 189 11.39 -3.54 -43.18
CA VAL D 189 12.63 -4.15 -42.69
C VAL D 189 13.73 -3.10 -42.72
N THR D 190 14.47 -2.98 -41.61
CA THR D 190 15.57 -2.06 -41.50
C THR D 190 16.90 -2.80 -41.38
N TYR D 191 17.98 -2.07 -41.62
CA TYR D 191 19.33 -2.60 -41.69
C TYR D 191 20.19 -1.93 -40.62
N HIS D 192 20.93 -2.73 -39.86
CA HIS D 192 21.78 -2.20 -38.80
C HIS D 192 23.11 -2.93 -38.75
N PRO D 193 24.21 -2.27 -39.10
CA PRO D 193 25.52 -2.95 -39.05
C PRO D 193 25.80 -3.52 -37.67
N ARG D 194 26.48 -4.66 -37.65
CA ARG D 194 26.72 -5.38 -36.40
C ARG D 194 28.19 -5.70 -36.21
N SER D 195 28.80 -6.36 -37.19
CA SER D 195 30.21 -6.72 -37.11
C SER D 195 30.79 -6.67 -38.53
N GLN D 196 32.02 -7.14 -38.66
CA GLN D 196 32.64 -7.30 -39.97
C GLN D 196 32.17 -8.55 -40.70
N VAL D 197 31.41 -9.42 -40.03
CA VAL D 197 30.98 -10.67 -40.62
C VAL D 197 29.47 -10.75 -40.82
N ASP D 198 28.69 -10.00 -40.05
CA ASP D 198 27.24 -10.15 -40.09
C ASP D 198 26.58 -8.79 -39.85
N VAL D 199 25.25 -8.77 -39.93
CA VAL D 199 24.46 -7.55 -39.83
C VAL D 199 23.09 -7.93 -39.28
N THR D 200 22.43 -6.95 -38.66
CA THR D 200 21.11 -7.15 -38.05
C THR D 200 20.02 -6.65 -38.98
N LEU D 201 19.06 -7.52 -39.28
CA LEU D 201 17.84 -7.14 -40.00
C LEU D 201 16.69 -7.12 -39.00
N ARG D 202 16.07 -5.96 -38.84
CA ARG D 202 14.97 -5.77 -37.90
C ARG D 202 13.69 -5.51 -38.67
N CYS D 203 12.68 -6.33 -38.43
CA CYS D 203 11.39 -6.24 -39.11
C CYS D 203 10.37 -5.60 -38.18
N TRP D 204 9.84 -4.44 -38.57
CA TRP D 204 8.94 -3.67 -37.73
C TRP D 204 7.49 -3.88 -38.11
N ALA D 205 6.62 -3.82 -37.11
CA ALA D 205 5.18 -3.77 -37.30
C ALA D 205 4.63 -2.66 -36.41
N LEU D 206 3.89 -1.73 -37.00
CA LEU D 206 3.52 -0.51 -36.30
C LEU D 206 2.05 -0.17 -36.55
N GLY D 207 1.44 0.46 -35.53
CA GLY D 207 0.12 1.05 -35.68
C GLY D 207 -1.00 0.06 -35.96
N PHE D 208 -0.93 -1.14 -35.40
CA PHE D 208 -1.95 -2.16 -35.67
C PHE D 208 -2.85 -2.36 -34.46
N TYR D 209 -4.08 -2.81 -34.75
CA TYR D 209 -5.08 -3.13 -33.74
C TYR D 209 -6.02 -4.17 -34.35
N PRO D 210 -6.35 -5.23 -33.60
CA PRO D 210 -5.97 -5.54 -32.22
C PRO D 210 -4.50 -5.94 -32.05
N ALA D 211 -4.12 -6.28 -30.82
CA ALA D 211 -2.72 -6.51 -30.50
C ALA D 211 -2.18 -7.83 -31.04
N ASP D 212 -3.05 -8.81 -31.31
CA ASP D 212 -2.58 -10.11 -31.74
C ASP D 212 -1.97 -10.02 -33.14
N ILE D 213 -0.74 -10.50 -33.28
CA ILE D 213 -0.01 -10.44 -34.54
C ILE D 213 1.06 -11.51 -34.50
N THR D 214 1.55 -11.90 -35.68
CA THR D 214 2.62 -12.89 -35.79
C THR D 214 3.71 -12.33 -36.68
N LEU D 215 4.93 -12.26 -36.15
CA LEU D 215 6.12 -11.85 -36.90
C LEU D 215 7.04 -13.04 -37.04
N THR D 216 7.51 -13.30 -38.26
CA THR D 216 8.29 -14.50 -38.53
C THR D 216 9.36 -14.21 -39.59
N TRP D 217 10.57 -14.68 -39.32
CA TRP D 217 11.66 -14.64 -40.28
C TRP D 217 11.89 -16.03 -40.86
N GLN D 218 12.13 -16.10 -42.17
CA GLN D 218 12.42 -17.35 -42.84
C GLN D 218 13.62 -17.18 -43.76
N LEU D 219 14.35 -18.28 -43.94
CA LEU D 219 15.54 -18.34 -44.80
C LEU D 219 15.26 -19.37 -45.89
N ASN D 220 14.82 -18.89 -47.06
CA ASN D 220 14.53 -19.75 -48.20
C ASN D 220 13.52 -20.82 -47.83
N GLY D 221 12.33 -20.35 -47.45
CA GLY D 221 11.26 -21.28 -47.05
C GLY D 221 11.37 -21.84 -45.66
N GLU D 222 12.56 -22.29 -45.28
CA GLU D 222 12.79 -22.80 -43.93
C GLU D 222 12.66 -21.66 -42.90
N ASP D 223 12.24 -21.99 -41.69
CA ASP D 223 11.85 -20.98 -40.71
C ASP D 223 12.90 -20.78 -39.63
N LEU D 224 12.87 -19.59 -39.01
CA LEU D 224 13.95 -19.09 -38.17
C LEU D 224 13.46 -18.69 -36.78
N THR D 225 12.31 -19.19 -36.34
CA THR D 225 11.81 -18.70 -35.05
C THR D 225 12.64 -19.19 -33.86
N GLN D 226 13.70 -19.96 -34.10
CA GLN D 226 14.60 -20.36 -33.03
C GLN D 226 15.66 -19.29 -32.76
N ASP D 227 16.30 -18.86 -33.84
CA ASP D 227 17.39 -17.90 -33.80
C ASP D 227 17.08 -16.41 -33.64
N MET D 228 15.84 -15.99 -33.76
CA MET D 228 15.52 -14.58 -33.67
C MET D 228 15.13 -13.94 -32.35
N GLU D 229 15.38 -12.66 -32.25
CA GLU D 229 15.00 -11.89 -31.10
C GLU D 229 13.62 -11.39 -31.44
N LEU D 230 12.71 -11.51 -30.52
CA LEU D 230 11.31 -11.16 -30.74
C LEU D 230 10.78 -10.53 -29.46
N VAL D 231 10.65 -9.19 -29.46
CA VAL D 231 10.19 -8.50 -28.27
C VAL D 231 8.69 -8.68 -28.10
N GLU D 232 8.21 -8.41 -26.92
CA GLU D 232 6.81 -8.50 -26.61
C GLU D 232 6.05 -7.41 -27.35
N THR D 233 4.84 -7.67 -27.78
CA THR D 233 3.99 -6.64 -28.36
C THR D 233 3.74 -5.55 -27.33
N ARG D 234 3.89 -4.30 -27.74
CA ARG D 234 3.86 -3.16 -26.83
C ARG D 234 2.86 -2.12 -27.31
N PRO D 235 2.24 -1.40 -26.38
CA PRO D 235 1.32 -0.33 -26.77
C PRO D 235 2.06 0.93 -27.15
N ALA D 236 1.62 1.54 -28.26
CA ALA D 236 2.20 2.81 -28.66
C ALA D 236 1.78 3.93 -27.73
N GLY D 237 0.62 3.80 -27.09
CA GLY D 237 0.06 4.84 -26.24
C GLY D 237 -1.10 5.57 -26.85
N ASP D 238 -1.36 5.41 -28.14
CA ASP D 238 -2.46 6.07 -28.82
C ASP D 238 -3.57 5.10 -29.20
N GLY D 239 -3.55 3.87 -28.69
CA GLY D 239 -4.55 2.88 -29.02
C GLY D 239 -4.11 1.84 -30.03
N THR D 240 -2.89 1.92 -30.54
CA THR D 240 -2.34 0.92 -31.44
C THR D 240 -1.14 0.26 -30.78
N PHE D 241 -0.62 -0.78 -31.44
CA PHE D 241 0.44 -1.59 -30.86
C PHE D 241 1.61 -1.71 -31.81
N GLN D 242 2.76 -2.11 -31.26
CA GLN D 242 4.00 -2.25 -32.02
C GLN D 242 4.65 -3.58 -31.67
N LYS D 243 5.56 -4.02 -32.54
CA LYS D 243 6.33 -5.23 -32.33
C LYS D 243 7.42 -5.30 -33.40
N TRP D 244 8.54 -5.92 -33.05
CA TRP D 244 9.58 -6.15 -34.04
C TRP D 244 10.29 -7.46 -33.77
N ALA D 245 10.91 -8.00 -34.82
CA ALA D 245 11.68 -9.23 -34.76
C ALA D 245 12.96 -9.04 -35.56
N ALA D 246 14.09 -9.41 -34.96
CA ALA D 246 15.39 -9.21 -35.58
C ALA D 246 16.13 -10.53 -35.72
N VAL D 247 17.05 -10.55 -36.69
CA VAL D 247 17.87 -11.73 -36.95
C VAL D 247 19.24 -11.26 -37.42
N VAL D 248 20.27 -12.02 -37.04
CA VAL D 248 21.65 -11.73 -37.44
C VAL D 248 21.96 -12.55 -38.69
N VAL D 249 22.28 -11.87 -39.77
CA VAL D 249 22.52 -12.54 -41.06
C VAL D 249 23.90 -12.17 -41.58
N PRO D 250 24.57 -13.04 -42.34
CA PRO D 250 25.89 -12.69 -42.87
C PRO D 250 25.81 -11.61 -43.93
N LEU D 251 26.89 -10.84 -44.03
CA LEU D 251 26.95 -9.76 -45.01
C LEU D 251 26.79 -10.30 -46.43
N GLY D 252 25.97 -9.62 -47.21
CA GLY D 252 25.73 -9.97 -48.60
C GLY D 252 24.58 -10.93 -48.84
N LYS D 253 24.02 -11.52 -47.78
CA LYS D 253 22.95 -12.51 -47.91
C LYS D 253 21.63 -12.05 -47.32
N GLU D 254 21.41 -10.72 -47.30
CA GLU D 254 20.19 -10.21 -46.69
C GLU D 254 18.95 -10.62 -47.49
N GLN D 255 19.07 -10.68 -48.81
CA GLN D 255 17.90 -10.97 -49.64
C GLN D 255 17.42 -12.40 -49.52
N ASN D 256 18.19 -13.29 -48.89
CA ASN D 256 17.75 -14.65 -48.65
C ASN D 256 16.84 -14.76 -47.43
N TYR D 257 16.63 -13.67 -46.69
CA TYR D 257 15.80 -13.67 -45.50
C TYR D 257 14.53 -12.87 -45.75
N THR D 258 13.39 -13.43 -45.34
CA THR D 258 12.09 -12.81 -45.55
C THR D 258 11.36 -12.72 -44.22
N CYS D 259 10.65 -11.61 -44.02
CA CYS D 259 9.84 -11.39 -42.84
C CYS D 259 8.36 -11.51 -43.21
N HIS D 260 7.61 -12.25 -42.39
CA HIS D 260 6.20 -12.52 -42.66
C HIS D 260 5.35 -11.99 -41.51
N VAL D 261 4.30 -11.25 -41.87
CA VAL D 261 3.43 -10.60 -40.90
C VAL D 261 2.01 -11.12 -41.11
N HIS D 262 1.43 -11.71 -40.07
CA HIS D 262 0.05 -12.18 -40.08
C HIS D 262 -0.77 -11.34 -39.13
N HIS D 263 -1.91 -10.82 -39.62
CA HIS D 263 -2.75 -9.96 -38.80
C HIS D 263 -4.17 -9.95 -39.37
N LYS D 264 -5.15 -9.89 -38.47
CA LYS D 264 -6.54 -9.86 -38.86
C LYS D 264 -6.86 -8.74 -39.84
N GLY D 265 -6.12 -7.64 -39.80
CA GLY D 265 -6.30 -6.61 -40.81
C GLY D 265 -5.55 -6.81 -42.09
N LEU D 266 -4.87 -7.94 -42.25
CA LEU D 266 -4.09 -8.19 -43.45
C LEU D 266 -4.81 -9.19 -44.36
N PRO D 267 -5.38 -8.74 -45.48
CA PRO D 267 -6.04 -9.68 -46.40
C PRO D 267 -5.18 -10.86 -46.75
N GLU D 268 -3.93 -10.60 -47.14
CA GLU D 268 -2.94 -11.60 -47.44
C GLU D 268 -1.72 -11.34 -46.56
N PRO D 269 -1.15 -12.35 -45.92
CA PRO D 269 0.03 -12.09 -45.07
C PRO D 269 1.15 -11.45 -45.87
N LEU D 270 1.74 -10.40 -45.31
CA LEU D 270 2.84 -9.71 -45.97
C LEU D 270 4.12 -10.52 -45.86
N THR D 271 4.90 -10.52 -46.94
CA THR D 271 6.26 -11.05 -46.92
C THR D 271 7.19 -9.93 -47.34
N LEU D 272 8.17 -9.62 -46.50
CA LEU D 272 9.05 -8.47 -46.72
C LEU D 272 10.51 -8.89 -46.73
N ARG D 273 11.30 -8.15 -47.48
CA ARG D 273 12.75 -8.20 -47.39
C ARG D 273 13.28 -6.80 -47.17
N TRP D 274 14.59 -6.72 -46.97
CA TRP D 274 15.24 -5.47 -46.80
C TRP D 274 15.26 -4.72 -48.12
N TYR E 1 13.17 20.18 23.38
CA TYR E 1 13.47 21.36 22.56
C TYR E 1 13.26 21.03 21.09
N TYR E 2 12.29 21.70 20.48
CA TYR E 2 12.04 21.54 19.05
C TYR E 2 13.25 22.02 18.25
N SER E 3 13.51 21.37 17.12
CA SER E 3 14.51 21.89 16.19
C SER E 3 14.03 21.78 14.76
N ILE E 4 14.24 22.84 14.01
CA ILE E 4 13.67 23.04 12.69
C ILE E 4 14.40 22.21 11.65
N ALA E 5 13.69 21.90 10.56
CA ALA E 5 14.32 21.30 9.39
C ALA E 5 14.84 22.40 8.48
N PRO E 6 16.14 22.50 8.23
CA PRO E 6 16.67 23.66 7.50
C PRO E 6 16.22 23.72 6.05
N HIS E 7 16.05 22.59 5.38
CA HIS E 7 15.70 22.57 3.97
C HIS E 7 14.52 21.65 3.73
N SER E 8 13.59 22.11 2.89
CA SER E 8 12.49 21.26 2.47
C SER E 8 12.99 20.14 1.59
N ILE E 9 12.14 19.18 1.30
CA ILE E 9 12.48 17.97 0.55
C ILE E 9 12.98 18.03 -0.91
N TYR F 1 -19.26 -5.41 -17.10
CA TYR F 1 -19.98 -5.48 -15.85
C TYR F 1 -19.27 -6.40 -14.87
N TYR F 2 -18.97 -5.88 -13.68
CA TYR F 2 -18.18 -6.65 -12.72
C TYR F 2 -18.97 -7.83 -12.18
N SER F 3 -18.27 -8.93 -11.94
CA SER F 3 -18.88 -10.18 -11.49
C SER F 3 -18.52 -10.46 -10.05
N ILE F 4 -19.54 -10.68 -9.22
CA ILE F 4 -19.32 -11.01 -7.82
C ILE F 4 -18.79 -12.44 -7.71
N ALA F 5 -17.83 -12.63 -6.80
CA ALA F 5 -17.39 -13.97 -6.44
C ALA F 5 -18.14 -14.38 -5.18
N PRO F 6 -19.10 -15.31 -5.26
CA PRO F 6 -20.00 -15.52 -4.12
C PRO F 6 -19.33 -16.09 -2.88
N HIS F 7 -18.36 -17.00 -3.03
CA HIS F 7 -17.73 -17.62 -1.88
C HIS F 7 -16.21 -17.56 -2.01
N SER F 8 -15.55 -17.29 -0.88
CA SER F 8 -14.10 -17.29 -0.83
C SER F 8 -13.58 -18.71 -0.99
N ILE F 9 -12.26 -18.81 -1.15
CA ILE F 9 -11.61 -20.10 -1.34
C ILE F 9 -11.67 -20.91 -0.06
#